data_1DMJ
#
_entry.id   1DMJ
#
_cell.length_a   57.900
_cell.length_b   106.490
_cell.length_c   156.550
_cell.angle_alpha   90.00
_cell.angle_beta   90.00
_cell.angle_gamma   90.00
#
_symmetry.space_group_name_H-M   'P 21 21 21'
#
loop_
_entity.id
_entity.type
_entity.pdbx_description
1 polymer 'NITRIC OXIDE SYNTHASE'
2 non-polymer 'ACETATE ION'
3 non-polymer 'CACODYLATE ION'
4 non-polymer 'ZINC ION'
5 non-polymer 'PROTOPORPHYRIN IX CONTAINING FE'
6 non-polymer 7-AMINO-3,3A,4,5-TETRAHYDRO-8H-2-OXA-5,6,8,9B-TETRAAZA-CYCLOPENTA[A]NAPHTHALENE-1,9-DIONE
7 non-polymer ETHYLISOTHIOUREA
8 non-polymer GLYCEROL
9 water water
#
_entity_poly.entity_id   1
_entity_poly.type   'polypeptide(L)'
_entity_poly.pdbx_seq_one_letter_code
;SRAPAPATPHAPDHSPAPNSPTLTRPPEGPKFPRVKNWELGSITYDTLCAQSQQDGPCTPRRCLGSLVLPRKLQTRPSPG
PPPAEQLLSQARDFINQYYSSIKRSGSQAHEERLQEVEAEVASTGTYHLRESELVFGAKQAWRNAPRCVGRIQWGKLQVF
DARDCSSAQEMFTYICNHIKYATNRGNLRSAITVFPQRAPGRGDFRIWNSQLVRYAGYRQQDGSVRGDPANVEITELCIQ
HGWTPGNGRFDVLPLLLQAPDEAPELFVLPPELVLEVPLEHPTLEWFAALGLRWYALPAVSNMLLEIGGLEFSAAPFSGW
YMSTEIGTRNLCDPHRYNILEDVAVCMDLDTRTTSSLWKDKAAVEINLAVLHSFQLAKVTIVDHHAATVSFMKHLDNEQK
ARGGCPADWAWIVPPISGSLTPVFHQEMVNYILSPAFRYQPDPW
;
_entity_poly.pdbx_strand_id   A,B
#
loop_
_chem_comp.id
_chem_comp.type
_chem_comp.name
_chem_comp.formula
ACT non-polymer 'ACETATE ION' 'C2 H3 O2 -1'
AP4 non-polymer 7-AMINO-3,3A,4,5-TETRAHYDRO-8H-2-OXA-5,6,8,9B-TETRAAZA-CYCLOPENTA[A]NAPHTHALENE-1,9-DIONE 'C8 H9 N5 O3'
CAC non-polymer 'CACODYLATE ION' 'C2 H6 As O2 -1'
GOL non-polymer GLYCEROL 'C3 H8 O3'
HEM non-polymer 'PROTOPORPHYRIN IX CONTAINING FE' 'C34 H32 Fe N4 O4'
ITU non-polymer ETHYLISOTHIOUREA 'C3 H8 N2 S'
ZN non-polymer 'ZINC ION' 'Zn 2'
#
# COMPACT_ATOMS: atom_id res chain seq x y z
N GLY A 29 -4.52 22.36 13.52
CA GLY A 29 -3.22 23.09 13.63
C GLY A 29 -2.78 23.66 12.30
N PRO A 30 -1.57 23.32 11.82
CA PRO A 30 -1.04 23.81 10.54
C PRO A 30 -1.89 23.40 9.34
N LYS A 31 -1.93 24.27 8.34
CA LYS A 31 -2.72 24.05 7.12
C LYS A 31 -2.09 23.07 6.12
N PHE A 32 -1.19 22.21 6.59
CA PHE A 32 -0.57 21.26 5.69
C PHE A 32 -0.89 19.83 6.10
N PRO A 33 -0.78 18.88 5.16
CA PRO A 33 -1.06 17.48 5.49
C PRO A 33 -0.34 17.07 6.78
N ARG A 34 -1.09 16.44 7.69
CA ARG A 34 -0.54 15.96 8.95
C ARG A 34 -0.19 14.50 8.75
N VAL A 35 1.08 14.15 8.98
CA VAL A 35 1.58 12.79 8.78
C VAL A 35 1.96 12.09 10.09
N LYS A 36 1.40 10.90 10.31
CA LYS A 36 1.70 10.17 11.55
C LYS A 36 2.36 8.82 11.37
N ASN A 37 3.26 8.51 12.31
CA ASN A 37 3.94 7.22 12.33
C ASN A 37 3.27 6.49 13.49
N TRP A 38 2.54 5.41 13.19
CA TRP A 38 1.84 4.68 14.25
C TRP A 38 2.66 3.79 15.15
N GLU A 39 3.92 3.54 14.80
CA GLU A 39 4.79 2.72 15.63
C GLU A 39 5.36 3.60 16.74
N LEU A 40 5.81 4.79 16.34
CA LEU A 40 6.41 5.74 17.26
C LEU A 40 5.46 6.79 17.79
N GLY A 41 4.33 6.98 17.12
CA GLY A 41 3.36 7.97 17.55
C GLY A 41 3.73 9.39 17.21
N SER A 42 4.86 9.58 16.51
CA SER A 42 5.32 10.91 16.13
C SER A 42 4.54 11.52 14.97
N ILE A 43 4.51 12.86 14.94
CA ILE A 43 3.77 13.63 13.93
C ILE A 43 4.65 14.63 13.16
N THR A 44 4.31 14.87 11.90
CA THR A 44 5.04 15.83 11.07
C THR A 44 4.03 16.43 10.10
N TYR A 45 4.38 17.57 9.52
CA TYR A 45 3.51 18.21 8.54
C TYR A 45 4.32 18.36 7.27
N ASP A 46 3.72 17.98 6.14
CA ASP A 46 4.42 18.10 4.88
C ASP A 46 4.12 19.45 4.24
N THR A 47 5.12 20.33 4.22
CA THR A 47 4.98 21.65 3.63
C THR A 47 5.56 21.62 2.22
N LEU A 48 6.42 20.65 1.95
CA LEU A 48 7.05 20.51 0.64
C LEU A 48 6.05 20.32 -0.50
N CYS A 49 4.93 19.66 -0.20
CA CYS A 49 3.92 19.38 -1.21
C CYS A 49 3.34 20.67 -1.79
N ALA A 50 3.55 21.78 -1.09
CA ALA A 50 3.07 23.09 -1.54
C ALA A 50 3.85 23.54 -2.76
N GLN A 51 5.00 22.92 -2.98
CA GLN A 51 5.86 23.26 -4.11
C GLN A 51 5.53 22.50 -5.39
N SER A 52 4.67 21.49 -5.28
CA SER A 52 4.28 20.70 -6.45
C SER A 52 3.58 21.57 -7.51
N GLN A 53 3.97 21.40 -8.76
CA GLN A 53 3.38 22.17 -9.85
C GLN A 53 2.76 21.27 -10.93
N GLN A 54 2.79 19.96 -10.69
CA GLN A 54 2.23 18.99 -11.62
C GLN A 54 1.18 18.17 -10.87
N ASP A 55 -0.04 18.13 -11.41
CA ASP A 55 -1.13 17.38 -10.78
C ASP A 55 -0.98 15.88 -10.88
N GLY A 56 -1.46 15.20 -9.84
CA GLY A 56 -1.40 13.75 -9.80
C GLY A 56 -2.73 13.22 -10.33
N PRO A 57 -3.02 11.92 -10.12
CA PRO A 57 -4.28 11.35 -10.60
C PRO A 57 -5.47 11.33 -9.64
N CYS A 58 -5.28 11.83 -8.42
CA CYS A 58 -6.36 11.81 -7.44
C CYS A 58 -7.21 13.08 -7.40
N THR A 59 -8.41 12.93 -6.86
CA THR A 59 -9.35 14.05 -6.69
C THR A 59 -10.08 13.76 -5.39
N PRO A 60 -10.81 14.76 -4.85
CA PRO A 60 -11.55 14.55 -3.60
C PRO A 60 -12.56 13.42 -3.68
N ARG A 61 -13.01 13.10 -4.90
CA ARG A 61 -14.00 12.03 -5.10
C ARG A 61 -13.42 10.63 -4.99
N ARG A 62 -12.23 10.40 -5.51
CA ARG A 62 -11.62 9.08 -5.44
C ARG A 62 -10.11 9.08 -5.52
N CYS A 63 -9.51 8.16 -4.78
CA CYS A 63 -8.06 8.01 -4.74
C CYS A 63 -7.65 7.01 -5.81
N LEU A 64 -6.71 7.43 -6.64
CA LEU A 64 -6.20 6.59 -7.72
C LEU A 64 -4.72 6.33 -7.42
N GLY A 65 -4.37 6.45 -6.13
CA GLY A 65 -2.99 6.27 -5.69
C GLY A 65 -2.33 4.93 -5.95
N SER A 66 -3.11 3.87 -6.12
CA SER A 66 -2.53 2.56 -6.34
C SER A 66 -2.28 2.18 -7.80
N LEU A 67 -2.61 3.07 -8.74
CA LEU A 67 -2.40 2.75 -10.14
C LEU A 67 -0.93 2.88 -10.53
N VAL A 68 -0.42 1.87 -11.20
CA VAL A 68 0.97 1.85 -11.62
C VAL A 68 1.24 2.94 -12.67
N LEU A 69 0.44 2.95 -13.75
CA LEU A 69 0.63 3.90 -14.84
C LEU A 69 -0.59 4.76 -15.08
N PRO A 70 -0.84 5.66 -14.14
CA PRO A 70 -2.00 6.49 -14.34
C PRO A 70 -1.65 7.56 -15.38
N ARG A 71 -2.62 7.90 -16.20
CA ARG A 71 -2.36 8.88 -17.27
C ARG A 71 -2.27 10.38 -16.96
N LYS A 72 -1.21 10.76 -16.25
CA LYS A 72 -0.94 12.16 -15.96
C LYS A 72 0.52 12.43 -16.35
N LEU A 73 1.46 12.11 -15.46
CA LEU A 73 2.88 12.29 -15.72
C LEU A 73 3.20 11.87 -17.14
N GLN A 74 2.79 10.66 -17.48
CA GLN A 74 2.97 10.05 -18.79
C GLN A 74 3.47 11.03 -19.84
N THR A 75 4.79 11.04 -20.07
CA THR A 75 5.39 11.93 -21.05
C THR A 75 5.15 11.45 -22.48
N ARG A 76 3.91 11.55 -22.94
CA ARG A 76 3.54 11.14 -24.29
C ARG A 76 4.30 12.01 -25.29
N PRO A 77 4.74 11.44 -26.42
CA PRO A 77 5.49 12.19 -27.42
C PRO A 77 4.79 13.47 -27.87
N SER A 78 5.41 14.60 -27.59
CA SER A 78 4.88 15.91 -27.97
C SER A 78 5.80 16.50 -29.02
N PRO A 79 5.78 15.95 -30.24
CA PRO A 79 6.60 16.37 -31.39
C PRO A 79 6.77 17.89 -31.51
N GLY A 80 5.86 18.53 -32.22
CA GLY A 80 5.92 19.96 -32.42
C GLY A 80 6.43 20.69 -31.18
N PRO A 81 7.43 21.58 -31.34
CA PRO A 81 8.02 22.34 -30.23
C PRO A 81 7.00 22.77 -29.18
N PRO A 82 7.40 22.75 -27.89
CA PRO A 82 6.52 23.14 -26.77
C PRO A 82 6.36 24.66 -26.65
N PRO A 83 5.26 25.10 -26.00
CA PRO A 83 4.99 26.54 -25.83
C PRO A 83 6.12 27.29 -25.14
N ALA A 84 6.71 28.23 -25.88
CA ALA A 84 7.82 28.99 -25.37
C ALA A 84 7.62 29.48 -23.99
N GLU A 85 6.36 29.64 -23.58
CA GLU A 85 6.03 30.13 -22.26
C GLU A 85 6.10 29.04 -21.19
N GLN A 86 5.44 27.91 -21.43
CA GLN A 86 5.43 26.83 -20.47
C GLN A 86 6.85 26.32 -20.26
N LEU A 87 7.67 26.38 -21.31
CA LEU A 87 9.05 25.91 -21.23
C LEU A 87 9.84 26.90 -20.37
N LEU A 88 9.66 28.18 -20.66
CA LEU A 88 10.35 29.23 -19.94
C LEU A 88 10.08 29.19 -18.44
N SER A 89 8.81 29.11 -18.06
CA SER A 89 8.45 29.07 -16.65
C SER A 89 9.06 27.85 -15.97
N GLN A 90 9.08 26.72 -16.67
CA GLN A 90 9.68 25.51 -16.13
C GLN A 90 11.18 25.73 -15.96
N ALA A 91 11.78 26.34 -16.97
CA ALA A 91 13.22 26.63 -16.96
C ALA A 91 13.58 27.61 -15.85
N ARG A 92 12.86 28.73 -15.78
CA ARG A 92 13.12 29.73 -14.76
C ARG A 92 13.04 29.08 -13.38
N ASP A 93 12.01 28.26 -13.19
CA ASP A 93 11.81 27.56 -11.93
C ASP A 93 13.01 26.68 -11.59
N PHE A 94 13.47 25.91 -12.57
CA PHE A 94 14.63 25.05 -12.33
C PHE A 94 15.89 25.86 -12.00
N ILE A 95 16.11 26.94 -12.74
CA ILE A 95 17.29 27.78 -12.50
C ILE A 95 17.25 28.34 -11.07
N ASN A 96 16.06 28.64 -10.59
CA ASN A 96 15.89 29.15 -9.23
C ASN A 96 16.27 28.05 -8.23
N GLN A 97 15.86 26.83 -8.52
CA GLN A 97 16.18 25.69 -7.65
C GLN A 97 17.68 25.54 -7.57
N TYR A 98 18.34 25.67 -8.73
CA TYR A 98 19.78 25.54 -8.80
C TYR A 98 20.49 26.60 -8.00
N TYR A 99 20.15 27.87 -8.23
CA TYR A 99 20.83 28.93 -7.49
C TYR A 99 20.54 28.89 -5.99
N SER A 100 19.41 28.29 -5.62
CA SER A 100 19.07 28.17 -4.21
C SER A 100 19.92 27.07 -3.59
N SER A 101 20.19 26.02 -4.35
CA SER A 101 20.99 24.90 -3.84
C SER A 101 22.43 25.33 -3.60
N ILE A 102 22.89 26.35 -4.32
CA ILE A 102 24.26 26.82 -4.12
C ILE A 102 24.26 28.10 -3.28
N LYS A 103 23.07 28.53 -2.88
CA LYS A 103 22.89 29.72 -2.04
C LYS A 103 23.22 31.08 -2.67
N ARG A 104 22.77 31.29 -3.90
CA ARG A 104 23.00 32.55 -4.61
C ARG A 104 21.69 33.04 -5.21
N SER A 105 20.60 32.80 -4.50
CA SER A 105 19.29 33.23 -4.98
C SER A 105 19.17 34.75 -4.93
N GLY A 106 18.97 35.37 -6.09
CA GLY A 106 18.84 36.81 -6.17
C GLY A 106 20.10 37.51 -6.63
N SER A 107 21.19 36.75 -6.75
CA SER A 107 22.47 37.31 -7.16
C SER A 107 22.50 37.69 -8.63
N GLN A 108 23.59 38.32 -9.05
CA GLN A 108 23.78 38.76 -10.42
C GLN A 108 23.95 37.58 -11.37
N ALA A 109 24.67 36.56 -10.91
CA ALA A 109 24.91 35.36 -11.70
C ALA A 109 23.58 34.63 -11.92
N HIS A 110 22.70 34.71 -10.92
CA HIS A 110 21.40 34.08 -10.99
C HIS A 110 20.51 34.80 -12.01
N GLU A 111 20.49 36.13 -11.93
CA GLU A 111 19.69 36.94 -12.84
C GLU A 111 20.25 36.91 -14.26
N GLU A 112 21.56 36.71 -14.36
CA GLU A 112 22.20 36.64 -15.67
C GLU A 112 21.89 35.30 -16.33
N ARG A 113 21.90 34.25 -15.52
CA ARG A 113 21.62 32.93 -16.06
C ARG A 113 20.17 32.88 -16.52
N LEU A 114 19.30 33.56 -15.78
CA LEU A 114 17.88 33.60 -16.12
C LEU A 114 17.72 34.32 -17.46
N GLN A 115 18.41 35.44 -17.61
CA GLN A 115 18.35 36.23 -18.83
C GLN A 115 18.88 35.43 -20.02
N GLU A 116 19.97 34.71 -19.76
CA GLU A 116 20.61 33.89 -20.78
C GLU A 116 19.71 32.74 -21.24
N VAL A 117 18.92 32.20 -20.33
CA VAL A 117 18.02 31.10 -20.66
C VAL A 117 16.87 31.56 -21.55
N GLU A 118 16.20 32.64 -21.15
CA GLU A 118 15.09 33.15 -21.96
C GLU A 118 15.59 33.66 -23.30
N ALA A 119 16.84 34.14 -23.33
CA ALA A 119 17.43 34.63 -24.55
C ALA A 119 17.61 33.43 -25.49
N GLU A 120 18.09 32.32 -24.94
CA GLU A 120 18.28 31.12 -25.74
C GLU A 120 16.95 30.64 -26.31
N VAL A 121 15.99 30.43 -25.44
CA VAL A 121 14.66 29.98 -25.85
C VAL A 121 14.07 30.98 -26.84
N ALA A 122 14.38 32.26 -26.63
CA ALA A 122 13.88 33.33 -27.48
C ALA A 122 14.15 33.10 -28.96
N SER A 123 15.37 32.71 -29.31
CA SER A 123 15.73 32.48 -30.71
C SER A 123 15.71 31.03 -31.18
N THR A 124 16.05 30.09 -30.30
CA THR A 124 16.08 28.68 -30.67
C THR A 124 14.85 27.87 -30.27
N GLY A 125 14.09 28.36 -29.30
CA GLY A 125 12.91 27.63 -28.87
C GLY A 125 13.23 26.69 -27.72
N THR A 126 14.51 26.52 -27.45
CA THR A 126 14.97 25.66 -26.36
C THR A 126 16.23 26.26 -25.77
N TYR A 127 16.80 25.58 -24.78
CA TYR A 127 18.01 26.05 -24.13
C TYR A 127 18.85 24.86 -23.69
N HIS A 128 20.03 25.13 -23.13
CA HIS A 128 20.91 24.06 -22.68
C HIS A 128 21.35 24.30 -21.24
N LEU A 129 21.68 23.20 -20.55
CA LEU A 129 22.10 23.28 -19.15
C LEU A 129 23.62 23.31 -19.01
N ARG A 130 24.11 24.02 -18.02
CA ARG A 130 25.54 24.05 -17.77
C ARG A 130 25.84 22.69 -17.15
N GLU A 131 27.10 22.27 -17.24
CA GLU A 131 27.52 21.00 -16.66
C GLU A 131 26.99 20.78 -15.24
N SER A 132 27.30 21.71 -14.35
CA SER A 132 26.88 21.58 -12.95
C SER A 132 25.37 21.56 -12.77
N GLU A 133 24.63 22.18 -13.69
CA GLU A 133 23.18 22.19 -13.58
C GLU A 133 22.62 20.80 -13.92
N LEU A 134 23.30 20.09 -14.81
CA LEU A 134 22.84 18.74 -15.17
C LEU A 134 23.06 17.81 -13.96
N VAL A 135 24.24 17.90 -13.34
CA VAL A 135 24.54 17.08 -12.17
C VAL A 135 23.51 17.33 -11.07
N PHE A 136 23.18 18.59 -10.85
CA PHE A 136 22.21 18.94 -9.81
C PHE A 136 20.81 18.40 -10.15
N GLY A 137 20.37 18.64 -11.37
CA GLY A 137 19.06 18.20 -11.81
C GLY A 137 18.89 16.69 -11.73
N ALA A 138 19.91 15.96 -12.16
CA ALA A 138 19.87 14.51 -12.13
C ALA A 138 19.73 13.96 -10.70
N LYS A 139 20.51 14.51 -9.76
CA LYS A 139 20.44 14.05 -8.37
C LYS A 139 19.06 14.38 -7.78
N GLN A 140 18.57 15.57 -8.13
CA GLN A 140 17.29 16.04 -7.65
C GLN A 140 16.16 15.16 -8.16
N ALA A 141 16.27 14.73 -9.41
CA ALA A 141 15.24 13.87 -9.98
C ALA A 141 15.17 12.57 -9.20
N TRP A 142 16.33 12.03 -8.84
CA TRP A 142 16.39 10.81 -8.05
C TRP A 142 15.77 11.12 -6.69
N ARG A 143 16.17 12.25 -6.13
CA ARG A 143 15.67 12.70 -4.84
C ARG A 143 14.14 12.82 -4.83
N ASN A 144 13.57 13.24 -5.96
CA ASN A 144 12.12 13.42 -6.05
C ASN A 144 11.28 12.20 -6.39
N ALA A 145 11.92 11.08 -6.74
CA ALA A 145 11.24 9.85 -7.11
C ALA A 145 10.46 9.23 -5.93
N PRO A 146 9.12 9.34 -5.95
CA PRO A 146 8.24 8.81 -4.90
C PRO A 146 8.29 7.30 -4.67
N ARG A 147 8.68 6.55 -5.70
CA ARG A 147 8.71 5.11 -5.64
C ARG A 147 10.04 4.46 -5.27
N CYS A 148 11.06 5.27 -5.05
CA CYS A 148 12.38 4.75 -4.71
C CYS A 148 12.65 4.74 -3.21
N VAL A 149 12.96 3.56 -2.69
CA VAL A 149 13.23 3.39 -1.27
C VAL A 149 14.71 3.58 -0.95
N GLY A 150 15.57 3.66 -1.97
CA GLY A 150 16.99 3.84 -1.71
C GLY A 150 17.47 5.27 -1.81
N ARG A 151 16.55 6.22 -1.66
CA ARG A 151 16.90 7.62 -1.79
C ARG A 151 17.85 8.22 -0.76
N ILE A 152 18.20 7.48 0.28
CA ILE A 152 19.11 8.01 1.27
C ILE A 152 20.49 8.20 0.61
N GLN A 153 20.68 7.54 -0.53
CA GLN A 153 21.91 7.63 -1.30
C GLN A 153 21.86 8.73 -2.38
N TRP A 154 20.72 9.43 -2.49
CA TRP A 154 20.55 10.45 -3.53
C TRP A 154 21.70 11.43 -3.75
N GLY A 155 22.46 11.73 -2.69
CA GLY A 155 23.58 12.66 -2.83
C GLY A 155 24.81 12.03 -3.47
N LYS A 156 24.88 10.70 -3.50
CA LYS A 156 26.02 10.02 -4.09
C LYS A 156 25.64 9.40 -5.44
N LEU A 157 25.80 10.16 -6.51
CA LEU A 157 25.49 9.70 -7.86
C LEU A 157 26.54 10.16 -8.88
N GLN A 158 27.08 9.23 -9.64
CA GLN A 158 28.06 9.55 -10.68
C GLN A 158 27.30 9.93 -11.95
N VAL A 159 27.41 11.20 -12.35
CA VAL A 159 26.73 11.69 -13.54
C VAL A 159 27.64 11.78 -14.76
N PHE A 160 27.45 10.84 -15.69
CA PHE A 160 28.22 10.82 -16.92
C PHE A 160 27.52 11.71 -17.94
N ASP A 161 28.20 12.77 -18.36
CA ASP A 161 27.63 13.69 -19.34
C ASP A 161 27.90 13.14 -20.73
N ALA A 162 26.84 12.73 -21.42
CA ALA A 162 26.99 12.17 -22.75
C ALA A 162 26.16 12.93 -23.78
N ARG A 163 26.02 14.23 -23.56
CA ARG A 163 25.27 15.08 -24.46
C ARG A 163 26.00 15.38 -25.76
N ASP A 164 27.17 14.79 -25.93
CA ASP A 164 27.96 14.97 -27.16
C ASP A 164 27.77 13.76 -28.08
N CYS A 165 27.17 12.70 -27.55
CA CYS A 165 26.92 11.48 -28.30
C CYS A 165 26.12 11.75 -29.56
N SER A 166 26.60 11.25 -30.71
CA SER A 166 25.91 11.49 -31.97
C SER A 166 25.59 10.24 -32.80
N SER A 167 25.87 9.06 -32.28
CA SER A 167 25.56 7.84 -33.02
C SER A 167 25.14 6.71 -32.10
N ALA A 168 24.45 5.72 -32.65
CA ALA A 168 24.01 4.58 -31.88
C ALA A 168 25.24 3.80 -31.39
N GLN A 169 26.28 3.80 -32.21
CA GLN A 169 27.53 3.11 -31.87
C GLN A 169 28.15 3.77 -30.64
N GLU A 170 28.16 5.10 -30.61
CA GLU A 170 28.75 5.80 -29.47
C GLU A 170 27.91 5.53 -28.22
N MET A 171 26.59 5.46 -28.39
CA MET A 171 25.69 5.17 -27.27
C MET A 171 26.12 3.88 -26.60
N PHE A 172 26.47 2.89 -27.41
CA PHE A 172 26.90 1.59 -26.90
C PHE A 172 28.17 1.72 -26.07
N THR A 173 29.14 2.48 -26.57
CA THR A 173 30.39 2.69 -25.86
C THR A 173 30.10 3.34 -24.50
N TYR A 174 29.26 4.37 -24.51
CA TYR A 174 28.90 5.05 -23.27
C TYR A 174 28.25 4.09 -22.28
N ILE A 175 27.31 3.28 -22.76
CA ILE A 175 26.60 2.33 -21.91
C ILE A 175 27.57 1.29 -21.31
N CYS A 176 28.51 0.82 -22.12
CA CYS A 176 29.49 -0.16 -21.66
C CYS A 176 30.38 0.45 -20.59
N ASN A 177 30.71 1.74 -20.75
CA ASN A 177 31.54 2.41 -19.75
C ASN A 177 30.73 2.58 -18.48
N HIS A 178 29.43 2.81 -18.65
CA HIS A 178 28.54 2.98 -17.51
C HIS A 178 28.51 1.69 -16.70
N ILE A 179 28.22 0.59 -17.38
CA ILE A 179 28.13 -0.74 -16.77
C ILE A 179 29.43 -1.09 -16.05
N LYS A 180 30.56 -0.78 -16.68
CA LYS A 180 31.86 -1.07 -16.07
C LYS A 180 32.08 -0.29 -14.78
N TYR A 181 31.86 1.02 -14.82
CA TYR A 181 32.03 1.86 -13.65
C TYR A 181 31.04 1.48 -12.55
N ALA A 182 29.77 1.38 -12.90
CA ALA A 182 28.73 1.04 -11.93
C ALA A 182 28.92 -0.34 -11.30
N THR A 183 29.33 -1.32 -12.10
CA THR A 183 29.54 -2.66 -11.59
C THR A 183 30.74 -2.72 -10.64
N ASN A 184 31.83 -2.08 -11.04
CA ASN A 184 33.04 -2.03 -10.23
C ASN A 184 33.32 -3.36 -9.52
N ARG A 185 33.22 -4.44 -10.29
CA ARG A 185 33.45 -5.80 -9.81
C ARG A 185 32.72 -6.21 -8.53
N GLY A 186 31.44 -5.88 -8.44
CA GLY A 186 30.68 -6.24 -7.25
C GLY A 186 30.47 -5.14 -6.24
N ASN A 187 31.38 -4.16 -6.20
CA ASN A 187 31.24 -3.04 -5.27
C ASN A 187 30.55 -1.92 -6.05
N LEU A 188 29.27 -2.14 -6.32
CA LEU A 188 28.45 -1.23 -7.11
C LEU A 188 28.41 0.23 -6.67
N ARG A 189 28.32 1.11 -7.67
CA ARG A 189 28.26 2.56 -7.50
C ARG A 189 27.12 3.13 -8.35
N SER A 190 26.28 3.92 -7.72
CA SER A 190 25.15 4.54 -8.42
C SER A 190 25.66 5.46 -9.53
N ALA A 191 25.03 5.38 -10.70
CA ALA A 191 25.43 6.20 -11.83
C ALA A 191 24.29 6.41 -12.83
N ILE A 192 24.45 7.43 -13.65
CA ILE A 192 23.47 7.73 -14.69
C ILE A 192 24.23 8.35 -15.88
N THR A 193 23.84 7.97 -17.08
CA THR A 193 24.48 8.50 -18.28
C THR A 193 23.42 9.29 -19.01
N VAL A 194 23.70 10.56 -19.27
CA VAL A 194 22.75 11.43 -19.94
C VAL A 194 23.07 11.69 -21.41
N PHE A 195 22.21 11.23 -22.29
CA PHE A 195 22.38 11.43 -23.73
C PHE A 195 21.68 12.71 -24.16
N PRO A 196 21.91 13.16 -25.40
CA PRO A 196 21.27 14.38 -25.88
C PRO A 196 19.76 14.46 -25.66
N GLN A 197 19.31 15.65 -25.27
CA GLN A 197 17.90 15.96 -25.00
C GLN A 197 17.03 15.96 -26.25
N ARG A 198 15.72 15.99 -26.04
CA ARG A 198 14.78 16.06 -27.15
C ARG A 198 14.98 17.38 -27.89
N ALA A 199 15.14 17.30 -29.20
CA ALA A 199 15.31 18.50 -30.02
C ALA A 199 14.16 18.59 -31.01
N PRO A 200 13.42 19.71 -31.00
CA PRO A 200 12.31 19.87 -31.93
C PRO A 200 12.79 19.74 -33.37
N GLY A 201 12.02 19.02 -34.19
CA GLY A 201 12.41 18.84 -35.57
C GLY A 201 13.61 17.91 -35.70
N ARG A 202 13.64 16.88 -34.87
CA ARG A 202 14.71 15.91 -34.85
C ARG A 202 14.26 14.70 -34.03
N GLY A 203 14.77 13.53 -34.37
CA GLY A 203 14.39 12.33 -33.65
C GLY A 203 14.99 12.21 -32.26
N ASP A 204 14.43 11.30 -31.45
CA ASP A 204 14.88 11.07 -30.08
C ASP A 204 15.99 10.05 -29.95
N PHE A 205 16.75 10.16 -28.87
CA PHE A 205 17.78 9.17 -28.56
C PHE A 205 16.98 8.23 -27.67
N ARG A 206 16.98 6.94 -27.97
CA ARG A 206 16.22 5.98 -27.18
C ARG A 206 16.90 4.65 -27.01
N ILE A 207 16.67 4.04 -25.85
CA ILE A 207 17.17 2.71 -25.57
C ILE A 207 15.83 1.97 -25.52
N TRP A 208 15.63 1.01 -26.41
CA TRP A 208 14.38 0.28 -26.47
C TRP A 208 14.18 -0.63 -25.26
N ASN A 209 15.26 -1.24 -24.79
CA ASN A 209 15.20 -2.13 -23.61
C ASN A 209 14.82 -1.40 -22.33
N SER A 210 14.00 -2.06 -21.49
CA SER A 210 13.57 -1.49 -20.22
C SER A 210 14.73 -1.34 -19.25
N GLN A 211 15.63 -2.30 -19.26
CA GLN A 211 16.81 -2.28 -18.40
C GLN A 211 18.03 -2.63 -19.24
N LEU A 212 19.22 -2.20 -18.82
CA LEU A 212 20.43 -2.51 -19.57
C LEU A 212 20.70 -4.02 -19.57
N VAL A 213 20.22 -4.71 -18.53
CA VAL A 213 20.40 -6.16 -18.46
C VAL A 213 19.01 -6.80 -18.34
N ARG A 214 18.69 -7.68 -19.29
CA ARG A 214 17.39 -8.35 -19.31
C ARG A 214 17.52 -9.78 -19.81
N TYR A 215 16.75 -10.68 -19.22
CA TYR A 215 16.78 -12.08 -19.65
C TYR A 215 15.70 -12.27 -20.70
N ALA A 216 16.05 -12.99 -21.76
CA ALA A 216 15.13 -13.24 -22.86
C ALA A 216 13.89 -14.01 -22.39
N GLY A 217 12.79 -13.79 -23.12
CA GLY A 217 11.54 -14.46 -22.83
C GLY A 217 11.04 -15.08 -24.12
N TYR A 218 11.20 -16.39 -24.25
CA TYR A 218 10.80 -17.13 -25.46
C TYR A 218 9.41 -17.71 -25.41
N ARG A 219 8.55 -17.23 -26.31
CA ARG A 219 7.16 -17.71 -26.41
C ARG A 219 7.11 -19.12 -27.01
N GLN A 220 6.79 -20.10 -26.17
CA GLN A 220 6.73 -21.50 -26.58
C GLN A 220 5.57 -21.87 -27.51
N GLN A 221 5.61 -23.09 -28.02
CA GLN A 221 4.55 -23.58 -28.92
C GLN A 221 3.25 -23.80 -28.16
N ASP A 222 3.38 -24.26 -26.92
CA ASP A 222 2.23 -24.53 -26.07
C ASP A 222 1.70 -23.25 -25.39
N GLY A 223 2.25 -22.11 -25.77
CA GLY A 223 1.78 -20.85 -25.19
C GLY A 223 2.55 -20.36 -23.97
N SER A 224 3.27 -21.25 -23.30
CA SER A 224 4.05 -20.85 -22.12
C SER A 224 5.26 -20.03 -22.53
N VAL A 225 6.07 -19.65 -21.55
CA VAL A 225 7.26 -18.85 -21.80
C VAL A 225 8.51 -19.42 -21.13
N ARG A 226 9.60 -19.48 -21.86
CA ARG A 226 10.86 -19.97 -21.30
C ARG A 226 11.70 -18.70 -21.06
N GLY A 227 12.15 -18.54 -19.82
CA GLY A 227 12.93 -17.36 -19.47
C GLY A 227 12.10 -16.38 -18.66
N ASP A 228 12.16 -15.09 -19.02
CA ASP A 228 11.44 -14.06 -18.30
C ASP A 228 10.26 -13.50 -19.11
N PRO A 229 9.03 -13.87 -18.74
CA PRO A 229 7.78 -13.44 -19.40
C PRO A 229 7.64 -11.92 -19.53
N ALA A 230 8.28 -11.17 -18.65
CA ALA A 230 8.17 -9.73 -18.71
C ALA A 230 8.84 -9.16 -19.96
N ASN A 231 9.80 -9.92 -20.49
CA ASN A 231 10.57 -9.48 -21.65
C ASN A 231 10.22 -10.20 -22.96
N VAL A 232 8.99 -10.67 -23.10
CA VAL A 232 8.61 -11.36 -24.32
C VAL A 232 8.64 -10.43 -25.53
N GLU A 233 8.06 -9.25 -25.40
CA GLU A 233 8.01 -8.32 -26.51
C GLU A 233 9.38 -7.84 -26.98
N ILE A 234 10.20 -7.34 -26.05
CA ILE A 234 11.53 -6.84 -26.40
C ILE A 234 12.37 -7.96 -27.02
N THR A 235 12.19 -9.18 -26.54
CA THR A 235 12.92 -10.32 -27.08
C THR A 235 12.55 -10.52 -28.55
N GLU A 236 11.25 -10.49 -28.84
CA GLU A 236 10.76 -10.65 -30.20
C GLU A 236 11.16 -9.47 -31.08
N LEU A 237 11.43 -8.32 -30.47
CA LEU A 237 11.84 -7.15 -31.23
C LEU A 237 13.31 -7.29 -31.62
N CYS A 238 14.11 -7.83 -30.73
CA CYS A 238 15.53 -8.05 -30.99
C CYS A 238 15.66 -9.06 -32.13
N ILE A 239 14.79 -10.07 -32.12
CA ILE A 239 14.80 -11.11 -33.14
C ILE A 239 14.47 -10.49 -34.50
N GLN A 240 13.38 -9.73 -34.54
CA GLN A 240 12.97 -9.07 -35.77
C GLN A 240 14.07 -8.13 -36.28
N HIS A 241 15.01 -7.78 -35.41
CA HIS A 241 16.08 -6.88 -35.80
C HIS A 241 17.42 -7.59 -35.98
N GLY A 242 17.35 -8.87 -36.28
CA GLY A 242 18.57 -9.63 -36.54
C GLY A 242 19.21 -10.40 -35.40
N TRP A 243 18.60 -10.44 -34.23
CA TRP A 243 19.22 -11.19 -33.14
C TRP A 243 18.96 -12.69 -33.30
N THR A 244 20.02 -13.48 -33.14
CA THR A 244 19.89 -14.93 -33.23
C THR A 244 19.66 -15.39 -31.80
N PRO A 245 18.42 -15.82 -31.50
CA PRO A 245 17.99 -16.30 -30.19
C PRO A 245 18.59 -17.60 -29.69
N GLY A 246 18.56 -17.76 -28.37
CA GLY A 246 19.05 -18.97 -27.75
C GLY A 246 17.81 -19.66 -27.20
N ASN A 247 17.98 -20.54 -26.22
CA ASN A 247 16.83 -21.22 -25.65
C ASN A 247 17.03 -21.62 -24.20
N GLY A 248 17.42 -20.66 -23.38
CA GLY A 248 17.63 -20.91 -21.97
C GLY A 248 16.73 -20.03 -21.13
N ARG A 249 16.77 -20.21 -19.81
CA ARG A 249 15.94 -19.41 -18.91
C ARG A 249 16.62 -18.10 -18.57
N PHE A 250 17.95 -18.04 -18.76
CA PHE A 250 18.68 -16.84 -18.44
C PHE A 250 19.62 -16.30 -19.51
N ASP A 251 19.09 -16.12 -20.72
CA ASP A 251 19.89 -15.58 -21.81
C ASP A 251 19.85 -14.05 -21.76
N VAL A 252 21.01 -13.43 -21.70
CA VAL A 252 21.09 -11.96 -21.64
C VAL A 252 20.78 -11.38 -23.01
N LEU A 253 19.78 -10.51 -23.06
CA LEU A 253 19.37 -9.88 -24.31
C LEU A 253 20.34 -8.84 -24.80
N PRO A 254 20.37 -8.61 -26.12
CA PRO A 254 21.25 -7.62 -26.72
C PRO A 254 20.54 -6.27 -26.59
N LEU A 255 21.28 -5.19 -26.71
CA LEU A 255 20.71 -3.84 -26.61
C LEU A 255 20.23 -3.35 -27.97
N LEU A 256 19.10 -2.66 -27.97
CA LEU A 256 18.53 -2.11 -29.17
C LEU A 256 18.60 -0.59 -28.97
N LEU A 257 19.66 0.01 -29.49
CA LEU A 257 19.92 1.44 -29.35
C LEU A 257 19.51 2.23 -30.58
N GLN A 258 18.86 3.36 -30.36
CA GLN A 258 18.39 4.19 -31.45
C GLN A 258 18.86 5.62 -31.38
N ALA A 259 19.51 6.07 -32.46
CA ALA A 259 19.99 7.44 -32.54
C ALA A 259 18.91 8.23 -33.29
N PRO A 260 19.00 9.56 -33.29
CA PRO A 260 18.00 10.39 -33.97
C PRO A 260 17.67 10.00 -35.42
N ASP A 261 16.39 9.77 -35.66
CA ASP A 261 15.88 9.45 -37.00
C ASP A 261 16.45 8.23 -37.71
N GLU A 262 17.19 7.40 -36.98
CA GLU A 262 17.76 6.19 -37.57
C GLU A 262 17.02 5.02 -36.93
N ALA A 263 16.99 3.89 -37.63
CA ALA A 263 16.34 2.70 -37.08
C ALA A 263 17.23 2.24 -35.94
N PRO A 264 16.68 1.46 -34.99
CA PRO A 264 17.50 0.99 -33.87
C PRO A 264 18.57 0.00 -34.32
N GLU A 265 19.77 0.14 -33.76
CA GLU A 265 20.86 -0.76 -34.09
C GLU A 265 21.06 -1.74 -32.93
N LEU A 266 21.32 -2.99 -33.29
CA LEU A 266 21.52 -4.06 -32.32
C LEU A 266 22.97 -4.14 -31.82
N PHE A 267 23.14 -4.28 -30.51
CA PHE A 267 24.47 -4.39 -29.91
C PHE A 267 24.48 -5.44 -28.81
N VAL A 268 25.40 -6.38 -28.93
CA VAL A 268 25.55 -7.46 -27.97
C VAL A 268 26.56 -7.08 -26.89
N LEU A 269 26.13 -7.13 -25.64
CA LEU A 269 27.02 -6.79 -24.54
C LEU A 269 28.04 -7.90 -24.34
N PRO A 270 29.32 -7.53 -24.15
CA PRO A 270 30.36 -8.55 -23.95
C PRO A 270 30.08 -9.24 -22.62
N PRO A 271 30.03 -10.58 -22.62
CA PRO A 271 29.75 -11.35 -21.41
C PRO A 271 30.51 -10.94 -20.15
N GLU A 272 31.76 -10.51 -20.32
CA GLU A 272 32.59 -10.12 -19.18
C GLU A 272 32.06 -8.87 -18.48
N LEU A 273 31.28 -8.08 -19.18
CA LEU A 273 30.72 -6.85 -18.61
C LEU A 273 29.46 -7.11 -17.78
N VAL A 274 28.80 -8.23 -18.03
CA VAL A 274 27.57 -8.56 -17.32
C VAL A 274 27.82 -9.52 -16.16
N LEU A 275 28.02 -8.98 -14.97
CA LEU A 275 28.26 -9.78 -13.79
C LEU A 275 26.98 -10.45 -13.30
N GLU A 276 27.04 -11.76 -13.07
CA GLU A 276 25.88 -12.49 -12.60
C GLU A 276 26.20 -13.26 -11.34
N VAL A 277 25.16 -13.59 -10.58
CA VAL A 277 25.34 -14.31 -9.34
C VAL A 277 24.52 -15.60 -9.33
N PRO A 278 25.20 -16.76 -9.35
CA PRO A 278 24.48 -18.03 -9.34
C PRO A 278 23.87 -18.15 -7.94
N LEU A 279 22.62 -18.58 -7.87
CA LEU A 279 21.98 -18.66 -6.57
C LEU A 279 22.11 -20.02 -5.85
N GLU A 280 22.44 -19.95 -4.56
CA GLU A 280 22.54 -21.13 -3.72
C GLU A 280 21.96 -20.73 -2.36
N HIS A 281 21.61 -21.73 -1.56
CA HIS A 281 21.02 -21.47 -0.24
C HIS A 281 22.05 -21.82 0.85
N PRO A 282 22.07 -21.05 1.95
CA PRO A 282 23.03 -21.30 3.03
C PRO A 282 22.97 -22.69 3.69
N THR A 283 21.78 -23.29 3.75
CA THR A 283 21.63 -24.61 4.38
C THR A 283 20.93 -25.65 3.52
N LEU A 284 20.08 -25.21 2.59
CA LEU A 284 19.39 -26.14 1.69
C LEU A 284 20.32 -26.36 0.49
N GLU A 285 21.09 -27.44 0.57
CA GLU A 285 22.07 -27.78 -0.45
C GLU A 285 21.56 -28.00 -1.87
N TRP A 286 20.30 -28.41 -1.97
CA TRP A 286 19.71 -28.66 -3.28
C TRP A 286 19.37 -27.39 -4.07
N PHE A 287 19.22 -26.27 -3.38
CA PHE A 287 18.87 -25.01 -4.04
C PHE A 287 19.81 -24.65 -5.19
N ALA A 288 21.09 -24.91 -5.00
CA ALA A 288 22.09 -24.61 -6.02
C ALA A 288 21.81 -25.39 -7.30
N ALA A 289 21.25 -26.58 -7.16
CA ALA A 289 20.95 -27.45 -8.28
C ALA A 289 19.81 -26.93 -9.16
N LEU A 290 19.08 -25.94 -8.65
CA LEU A 290 17.96 -25.35 -9.40
C LEU A 290 18.45 -24.56 -10.61
N GLY A 291 19.73 -24.20 -10.60
CA GLY A 291 20.30 -23.44 -11.70
C GLY A 291 19.76 -22.02 -11.81
N LEU A 292 19.34 -21.44 -10.69
CA LEU A 292 18.81 -20.08 -10.72
C LEU A 292 19.95 -19.07 -10.60
N ARG A 293 19.72 -17.86 -11.09
CA ARG A 293 20.74 -16.81 -11.03
C ARG A 293 20.14 -15.45 -11.34
N TRP A 294 20.92 -14.40 -11.13
CA TRP A 294 20.46 -13.05 -11.45
C TRP A 294 21.66 -12.15 -11.63
N TYR A 295 21.49 -11.10 -12.44
CA TYR A 295 22.57 -10.18 -12.68
C TYR A 295 22.68 -9.20 -11.52
N ALA A 296 23.87 -8.64 -11.37
CA ALA A 296 24.16 -7.72 -10.29
C ALA A 296 23.71 -6.28 -10.49
N LEU A 297 23.66 -5.82 -11.74
CA LEU A 297 23.32 -4.43 -11.99
C LEU A 297 21.91 -4.06 -12.44
N PRO A 298 21.16 -3.37 -11.57
CA PRO A 298 19.80 -2.94 -11.90
C PRO A 298 19.93 -1.57 -12.57
N ALA A 299 19.71 -1.52 -13.88
CA ALA A 299 19.82 -0.25 -14.60
C ALA A 299 18.62 0.02 -15.50
N VAL A 300 17.73 0.90 -15.02
CA VAL A 300 16.53 1.28 -15.77
C VAL A 300 16.94 2.16 -16.92
N SER A 301 16.49 1.81 -18.12
CA SER A 301 16.88 2.53 -19.31
C SER A 301 15.77 3.07 -20.21
N ASN A 302 14.51 2.88 -19.83
CA ASN A 302 13.42 3.35 -20.67
C ASN A 302 12.66 4.54 -20.08
N MET A 303 13.17 5.12 -19.00
CA MET A 303 12.51 6.27 -18.41
C MET A 303 13.02 7.60 -18.94
N LEU A 304 12.19 8.63 -18.81
CA LEU A 304 12.55 9.96 -19.26
C LEU A 304 12.99 10.85 -18.11
N LEU A 305 14.12 11.52 -18.29
CA LEU A 305 14.63 12.44 -17.27
C LEU A 305 14.24 13.85 -17.70
N GLU A 306 13.44 14.51 -16.87
CA GLU A 306 12.99 15.87 -17.18
C GLU A 306 13.59 16.88 -16.21
N ILE A 307 14.21 17.91 -16.76
CA ILE A 307 14.83 18.96 -15.96
C ILE A 307 14.54 20.31 -16.61
N GLY A 308 13.96 21.22 -15.83
CA GLY A 308 13.64 22.54 -16.33
C GLY A 308 12.92 22.57 -17.67
N GLY A 309 12.07 21.57 -17.93
CA GLY A 309 11.33 21.51 -19.18
C GLY A 309 12.06 20.78 -20.28
N LEU A 310 13.36 20.53 -20.10
CA LEU A 310 14.13 19.80 -21.10
C LEU A 310 13.90 18.32 -20.86
N GLU A 311 13.75 17.55 -21.94
CA GLU A 311 13.49 16.12 -21.83
C GLU A 311 14.60 15.23 -22.34
N PHE A 312 15.18 14.44 -21.45
CA PHE A 312 16.24 13.52 -21.81
C PHE A 312 15.66 12.12 -21.99
N SER A 313 15.19 11.83 -23.21
CA SER A 313 14.57 10.54 -23.53
C SER A 313 15.47 9.32 -23.33
N ALA A 314 16.78 9.53 -23.27
CA ALA A 314 17.71 8.44 -23.05
C ALA A 314 18.68 8.88 -21.95
N ALA A 315 18.54 8.27 -20.78
CA ALA A 315 19.37 8.61 -19.63
C ALA A 315 19.31 7.46 -18.63
N PRO A 316 19.90 6.32 -18.98
CA PRO A 316 19.89 5.14 -18.10
C PRO A 316 20.56 5.41 -16.77
N PHE A 317 19.95 4.91 -15.70
CA PHE A 317 20.50 5.09 -14.36
C PHE A 317 20.54 3.76 -13.62
N SER A 318 21.52 3.59 -12.74
CA SER A 318 21.64 2.35 -11.98
C SER A 318 22.08 2.56 -10.54
N GLY A 319 21.79 1.57 -9.70
CA GLY A 319 22.16 1.60 -8.29
C GLY A 319 22.53 0.17 -7.94
N TRP A 320 21.96 -0.37 -6.87
CA TRP A 320 22.17 -1.76 -6.51
C TRP A 320 20.81 -2.27 -6.05
N TYR A 321 20.63 -3.59 -6.07
CA TYR A 321 19.35 -4.21 -5.72
C TYR A 321 18.97 -4.31 -4.26
N MET A 322 17.67 -4.37 -4.01
CA MET A 322 17.16 -4.61 -2.68
C MET A 322 16.74 -6.07 -2.90
N SER A 323 17.15 -6.96 -2.01
CA SER A 323 16.86 -8.37 -2.15
C SER A 323 15.47 -8.80 -2.60
N THR A 324 14.42 -8.11 -2.15
CA THR A 324 13.06 -8.49 -2.53
C THR A 324 12.74 -8.30 -4.02
N GLU A 325 13.48 -7.44 -4.69
CA GLU A 325 13.25 -7.22 -6.12
C GLU A 325 13.55 -8.52 -6.87
N ILE A 326 14.57 -9.22 -6.42
CA ILE A 326 14.97 -10.47 -7.05
C ILE A 326 14.25 -11.67 -6.45
N GLY A 327 14.47 -11.88 -5.15
CA GLY A 327 13.87 -13.01 -4.46
C GLY A 327 12.36 -13.10 -4.42
N THR A 328 11.68 -11.96 -4.36
CA THR A 328 10.23 -11.98 -4.29
C THR A 328 9.51 -11.69 -5.60
N ARG A 329 9.76 -10.52 -6.18
CA ARG A 329 9.10 -10.14 -7.42
C ARG A 329 9.57 -10.91 -8.67
N ASN A 330 10.83 -10.72 -9.04
CA ASN A 330 11.39 -11.35 -10.23
C ASN A 330 11.32 -12.86 -10.27
N LEU A 331 11.63 -13.49 -9.14
CA LEU A 331 11.60 -14.94 -9.05
C LEU A 331 10.26 -15.56 -8.63
N CYS A 332 9.47 -14.88 -7.81
CA CYS A 332 8.21 -15.48 -7.36
C CYS A 332 6.91 -14.97 -7.94
N ASP A 333 6.93 -13.85 -8.67
CA ASP A 333 5.70 -13.35 -9.25
C ASP A 333 5.10 -14.41 -10.17
N PRO A 334 3.77 -14.55 -10.16
CA PRO A 334 3.15 -15.56 -11.02
C PRO A 334 3.39 -15.29 -12.51
N HIS A 335 3.54 -14.02 -12.87
CA HIS A 335 3.79 -13.64 -14.26
C HIS A 335 5.26 -13.41 -14.59
N ARG A 336 6.13 -13.84 -13.69
CA ARG A 336 7.58 -13.73 -13.91
C ARG A 336 8.10 -15.17 -13.87
N TYR A 337 9.23 -15.42 -13.21
CA TYR A 337 9.76 -16.79 -13.16
C TYR A 337 8.89 -17.81 -12.43
N ASN A 338 8.02 -17.33 -11.57
CA ASN A 338 7.08 -18.18 -10.84
C ASN A 338 7.67 -19.49 -10.28
N ILE A 339 8.71 -19.39 -9.46
CA ILE A 339 9.34 -20.60 -8.90
C ILE A 339 8.84 -21.03 -7.52
N LEU A 340 7.87 -20.29 -6.96
CA LEU A 340 7.33 -20.61 -5.65
C LEU A 340 6.98 -22.10 -5.48
N GLU A 341 6.19 -22.64 -6.40
CA GLU A 341 5.79 -24.04 -6.32
C GLU A 341 6.97 -25.03 -6.40
N ASP A 342 7.92 -24.78 -7.31
CA ASP A 342 9.08 -25.66 -7.45
C ASP A 342 9.84 -25.74 -6.14
N VAL A 343 10.18 -24.60 -5.57
CA VAL A 343 10.92 -24.58 -4.32
C VAL A 343 10.11 -25.23 -3.19
N ALA A 344 8.81 -24.93 -3.09
CA ALA A 344 7.96 -25.53 -2.06
C ALA A 344 8.00 -27.06 -2.15
N VAL A 345 7.90 -27.58 -3.37
CA VAL A 345 7.96 -29.03 -3.56
C VAL A 345 9.29 -29.56 -3.03
N CYS A 346 10.38 -28.87 -3.36
CA CYS A 346 11.70 -29.30 -2.89
C CYS A 346 11.78 -29.27 -1.37
N MET A 347 11.07 -28.32 -0.76
CA MET A 347 11.05 -28.18 0.69
C MET A 347 10.03 -29.12 1.32
N ASP A 348 9.38 -29.91 0.48
CA ASP A 348 8.38 -30.88 0.90
C ASP A 348 7.25 -30.25 1.71
N LEU A 349 6.67 -29.17 1.19
CA LEU A 349 5.58 -28.48 1.86
C LEU A 349 4.25 -28.92 1.25
N ASP A 350 3.16 -28.68 1.97
CA ASP A 350 1.83 -29.05 1.49
C ASP A 350 1.32 -27.94 0.57
N THR A 351 1.59 -28.07 -0.72
CA THR A 351 1.16 -27.07 -1.70
C THR A 351 -0.29 -27.27 -2.13
N ARG A 352 -0.98 -28.20 -1.47
CA ARG A 352 -2.37 -28.48 -1.79
C ARG A 352 -3.34 -27.61 -0.99
N THR A 353 -2.83 -26.95 0.04
CA THR A 353 -3.68 -26.10 0.87
C THR A 353 -2.98 -24.80 1.24
N THR A 354 -3.75 -23.72 1.22
CA THR A 354 -3.22 -22.40 1.54
C THR A 354 -2.78 -22.25 3.00
N SER A 355 -3.56 -22.81 3.91
CA SER A 355 -3.28 -22.72 5.34
C SER A 355 -1.93 -23.25 5.82
N SER A 356 -1.18 -23.91 4.95
CA SER A 356 0.12 -24.43 5.33
C SER A 356 1.17 -23.33 5.20
N LEU A 357 0.81 -22.29 4.45
CA LEU A 357 1.69 -21.16 4.20
C LEU A 357 2.97 -21.58 3.46
N TRP A 358 2.82 -22.52 2.52
CA TRP A 358 3.95 -23.00 1.74
C TRP A 358 4.55 -21.88 0.89
N LYS A 359 3.70 -20.97 0.42
CA LYS A 359 4.19 -19.87 -0.38
C LYS A 359 5.07 -18.96 0.47
N ASP A 360 4.57 -18.66 1.67
CA ASP A 360 5.31 -17.79 2.59
C ASP A 360 6.65 -18.40 2.97
N LYS A 361 6.67 -19.71 3.24
CA LYS A 361 7.90 -20.37 3.62
C LYS A 361 8.94 -20.38 2.49
N ALA A 362 8.52 -20.84 1.31
CA ALA A 362 9.40 -20.89 0.16
C ALA A 362 9.97 -19.52 -0.18
N ALA A 363 9.11 -18.51 -0.19
CA ALA A 363 9.52 -17.15 -0.51
C ALA A 363 10.59 -16.66 0.45
N VAL A 364 10.42 -16.96 1.73
CA VAL A 364 11.42 -16.55 2.72
C VAL A 364 12.79 -17.14 2.38
N GLU A 365 12.80 -18.44 2.07
CA GLU A 365 14.03 -19.14 1.73
C GLU A 365 14.65 -18.66 0.43
N ILE A 366 13.82 -18.24 -0.51
CA ILE A 366 14.32 -17.75 -1.78
C ILE A 366 15.01 -16.40 -1.57
N ASN A 367 14.38 -15.54 -0.77
CA ASN A 367 14.97 -14.23 -0.48
C ASN A 367 16.28 -14.40 0.27
N LEU A 368 16.33 -15.37 1.17
CA LEU A 368 17.55 -15.61 1.93
C LEU A 368 18.65 -16.08 0.99
N ALA A 369 18.29 -16.94 0.04
CA ALA A 369 19.26 -17.44 -0.92
C ALA A 369 19.86 -16.26 -1.71
N VAL A 370 19.00 -15.35 -2.16
CA VAL A 370 19.47 -14.19 -2.90
C VAL A 370 20.49 -13.40 -2.08
N LEU A 371 20.15 -13.13 -0.83
CA LEU A 371 21.03 -12.38 0.06
C LEU A 371 22.35 -13.11 0.28
N HIS A 372 22.26 -14.41 0.54
CA HIS A 372 23.44 -15.24 0.79
C HIS A 372 24.38 -15.34 -0.42
N SER A 373 23.81 -15.54 -1.60
CA SER A 373 24.60 -15.68 -2.82
C SER A 373 25.30 -14.38 -3.21
N PHE A 374 24.61 -13.25 -3.03
CA PHE A 374 25.21 -11.96 -3.36
C PHE A 374 26.33 -11.64 -2.38
N GLN A 375 26.11 -11.94 -1.11
CA GLN A 375 27.11 -11.69 -0.09
C GLN A 375 28.35 -12.56 -0.34
N LEU A 376 28.12 -13.82 -0.72
CA LEU A 376 29.19 -14.76 -1.00
C LEU A 376 30.01 -14.31 -2.20
N ALA A 377 29.30 -13.84 -3.23
CA ALA A 377 29.93 -13.38 -4.46
C ALA A 377 30.53 -11.98 -4.27
N LYS A 378 30.37 -11.42 -3.07
CA LYS A 378 30.88 -10.09 -2.76
C LYS A 378 30.30 -9.02 -3.71
N VAL A 379 29.00 -9.15 -4.01
CA VAL A 379 28.28 -8.21 -4.87
C VAL A 379 27.31 -7.42 -4.00
N THR A 380 27.29 -6.11 -4.16
CA THR A 380 26.42 -5.25 -3.35
C THR A 380 24.93 -5.59 -3.39
N ILE A 381 24.31 -5.59 -2.22
CA ILE A 381 22.89 -5.86 -2.10
C ILE A 381 22.41 -5.41 -0.74
N VAL A 382 21.12 -5.09 -0.62
CA VAL A 382 20.55 -4.65 0.66
C VAL A 382 19.19 -5.33 0.88
N ASP A 383 19.01 -5.93 2.06
CA ASP A 383 17.75 -6.61 2.38
C ASP A 383 16.68 -5.55 2.64
N HIS A 384 15.41 -5.98 2.68
CA HIS A 384 14.30 -5.07 2.90
C HIS A 384 14.23 -4.41 4.27
N HIS A 385 14.89 -5.00 5.27
CA HIS A 385 14.87 -4.43 6.62
C HIS A 385 15.82 -3.24 6.67
N ALA A 386 17.06 -3.46 6.26
CA ALA A 386 18.07 -2.40 6.26
C ALA A 386 17.65 -1.28 5.31
N ALA A 387 17.13 -1.67 4.16
CA ALA A 387 16.69 -0.70 3.16
C ALA A 387 15.61 0.26 3.70
N THR A 388 14.56 -0.31 4.31
CA THR A 388 13.49 0.52 4.85
C THR A 388 13.92 1.29 6.09
N VAL A 389 14.77 0.70 6.92
CA VAL A 389 15.25 1.40 8.12
C VAL A 389 16.00 2.65 7.66
N SER A 390 16.80 2.51 6.62
CA SER A 390 17.57 3.64 6.11
C SER A 390 16.67 4.67 5.40
N PHE A 391 15.51 4.23 4.91
CA PHE A 391 14.61 5.16 4.24
C PHE A 391 13.95 6.02 5.30
N MET A 392 13.73 5.44 6.48
CA MET A 392 13.12 6.17 7.59
C MET A 392 14.07 7.32 7.95
N LYS A 393 15.36 7.04 7.92
CA LYS A 393 16.37 8.06 8.22
C LYS A 393 16.35 9.14 7.16
N HIS A 394 16.14 8.74 5.91
CA HIS A 394 16.07 9.68 4.80
C HIS A 394 14.86 10.60 5.02
N LEU A 395 13.78 10.05 5.54
CA LEU A 395 12.57 10.83 5.80
C LEU A 395 12.81 11.93 6.84
N ASP A 396 13.56 11.61 7.90
CA ASP A 396 13.89 12.59 8.93
C ASP A 396 14.77 13.68 8.33
N ASN A 397 15.76 13.27 7.55
CA ASN A 397 16.67 14.22 6.91
C ASN A 397 15.91 15.20 6.03
N GLU A 398 15.03 14.66 5.20
CA GLU A 398 14.25 15.48 4.28
C GLU A 398 13.23 16.35 5.01
N GLN A 399 12.72 15.86 6.13
CA GLN A 399 11.76 16.65 6.89
C GLN A 399 12.47 17.96 7.26
N LYS A 400 13.66 17.83 7.82
CA LYS A 400 14.45 18.98 8.21
C LYS A 400 14.87 19.83 7.00
N ALA A 401 15.37 19.17 5.97
CA ALA A 401 15.85 19.84 4.76
C ALA A 401 14.83 20.51 3.82
N ARG A 402 13.72 19.83 3.54
CA ARG A 402 12.71 20.37 2.63
C ARG A 402 11.30 20.43 3.20
N GLY A 403 11.14 19.99 4.45
CA GLY A 403 9.83 20.02 5.08
C GLY A 403 8.92 18.89 4.62
N GLY A 404 9.52 17.79 4.17
CA GLY A 404 8.74 16.66 3.71
C GLY A 404 9.44 15.80 2.67
N CYS A 405 8.77 14.74 2.23
CA CYS A 405 9.34 13.84 1.23
C CYS A 405 8.24 13.09 0.51
N PRO A 406 8.08 13.33 -0.80
CA PRO A 406 7.03 12.62 -1.54
C PRO A 406 7.32 11.11 -1.54
N ALA A 407 6.33 10.31 -1.16
CA ALA A 407 6.55 8.88 -1.10
C ALA A 407 5.32 8.07 -1.49
N ASP A 408 5.54 7.04 -2.30
CA ASP A 408 4.46 6.18 -2.75
C ASP A 408 4.43 4.93 -1.86
N TRP A 409 3.60 4.97 -0.83
CA TRP A 409 3.45 3.90 0.13
C TRP A 409 3.42 2.48 -0.45
N ALA A 410 2.54 2.23 -1.43
CA ALA A 410 2.42 0.90 -2.04
C ALA A 410 3.74 0.39 -2.64
N TRP A 411 4.58 1.29 -3.13
CA TRP A 411 5.85 0.91 -3.73
C TRP A 411 7.01 0.90 -2.74
N ILE A 412 6.86 1.66 -1.66
CA ILE A 412 7.90 1.75 -0.65
C ILE A 412 7.93 0.52 0.25
N VAL A 413 6.74 0.07 0.68
CA VAL A 413 6.64 -1.12 1.53
C VAL A 413 7.02 -2.33 0.69
N PRO A 414 7.93 -3.19 1.21
CA PRO A 414 8.38 -4.39 0.49
C PRO A 414 7.28 -5.40 0.19
N PRO A 415 7.47 -6.22 -0.86
CA PRO A 415 6.48 -7.24 -1.28
C PRO A 415 6.29 -8.40 -0.29
N ILE A 416 7.17 -8.50 0.71
CA ILE A 416 7.03 -9.51 1.75
C ILE A 416 7.30 -8.83 3.08
N SER A 417 6.80 -9.41 4.16
CA SER A 417 7.01 -8.91 5.52
C SER A 417 6.70 -7.43 5.76
N GLY A 418 5.73 -6.91 5.02
CA GLY A 418 5.33 -5.51 5.13
C GLY A 418 5.36 -4.84 6.49
N SER A 419 4.46 -5.26 7.38
CA SER A 419 4.39 -4.64 8.71
C SER A 419 5.60 -4.93 9.59
N LEU A 420 6.49 -5.80 9.13
CA LEU A 420 7.68 -6.11 9.89
C LEU A 420 8.75 -5.03 9.68
N THR A 421 8.59 -4.23 8.64
CA THR A 421 9.53 -3.16 8.36
C THR A 421 8.89 -1.87 8.87
N PRO A 422 9.69 -0.87 9.25
CA PRO A 422 9.17 0.41 9.77
C PRO A 422 8.28 1.25 8.85
N VAL A 423 8.53 1.22 7.55
CA VAL A 423 7.74 2.03 6.61
C VAL A 423 6.25 1.72 6.57
N PHE A 424 5.88 0.48 6.87
CA PHE A 424 4.47 0.11 6.85
C PHE A 424 3.66 1.03 7.77
N HIS A 425 4.22 1.30 8.94
CA HIS A 425 3.58 2.11 9.98
C HIS A 425 3.72 3.62 9.76
N GLN A 426 4.40 4.00 8.69
CA GLN A 426 4.61 5.40 8.36
C GLN A 426 3.67 5.89 7.26
N GLU A 427 2.79 6.83 7.60
CA GLU A 427 1.87 7.38 6.60
C GLU A 427 2.75 8.17 5.66
N MET A 428 2.33 8.29 4.40
CA MET A 428 3.12 9.00 3.40
C MET A 428 2.29 9.92 2.51
N VAL A 429 2.91 11.01 2.08
CA VAL A 429 2.25 11.96 1.20
C VAL A 429 2.91 11.83 -0.17
N ASN A 430 2.11 11.65 -1.21
CA ASN A 430 2.67 11.51 -2.54
C ASN A 430 2.27 12.67 -3.44
N TYR A 431 3.25 13.20 -4.17
CA TYR A 431 3.03 14.32 -5.07
C TYR A 431 4.18 14.40 -6.06
N ILE A 432 3.99 15.15 -7.15
CA ILE A 432 5.02 15.26 -8.18
C ILE A 432 5.89 16.51 -8.09
N LEU A 433 7.20 16.31 -8.04
CA LEU A 433 8.17 17.41 -7.99
C LEU A 433 9.11 17.27 -9.19
N SER A 434 9.66 18.39 -9.65
CA SER A 434 10.58 18.39 -10.78
C SER A 434 11.88 19.05 -10.35
N PRO A 435 13.04 18.59 -10.88
CA PRO A 435 13.27 17.50 -11.83
C PRO A 435 12.65 16.17 -11.46
N ALA A 436 12.39 15.36 -12.48
CA ALA A 436 11.75 14.07 -12.26
C ALA A 436 12.06 13.00 -13.29
N PHE A 437 11.88 11.75 -12.87
CA PHE A 437 12.03 10.61 -13.74
C PHE A 437 10.58 10.23 -14.09
N ARG A 438 10.26 10.25 -15.37
CA ARG A 438 8.90 9.97 -15.84
C ARG A 438 8.85 8.78 -16.81
N TYR A 439 7.68 8.16 -16.88
CA TYR A 439 7.49 7.06 -17.81
C TYR A 439 7.27 7.72 -19.18
N GLN A 440 7.63 7.03 -20.25
CA GLN A 440 7.44 7.55 -21.59
C GLN A 440 6.99 6.41 -22.48
N PRO A 441 6.26 6.71 -23.56
CA PRO A 441 5.76 5.69 -24.49
C PRO A 441 6.88 4.88 -25.12
N ASP A 442 6.58 3.64 -25.51
CA ASP A 442 7.58 2.79 -26.15
C ASP A 442 7.84 3.40 -27.52
N PRO A 443 9.10 3.42 -27.95
CA PRO A 443 9.44 4.00 -29.26
C PRO A 443 8.85 3.29 -30.48
N TRP A 444 8.42 2.03 -30.30
CA TRP A 444 7.84 1.28 -31.42
C TRP A 444 6.33 1.47 -31.52
N LYS B 31 -13.01 10.58 -17.04
CA LYS B 31 -13.68 10.63 -15.70
C LYS B 31 -13.63 9.27 -15.03
N PHE B 32 -14.08 8.25 -15.75
CA PHE B 32 -14.09 6.90 -15.23
C PHE B 32 -12.70 6.28 -15.34
N PRO B 33 -12.12 5.89 -14.20
CA PRO B 33 -10.79 5.28 -14.13
C PRO B 33 -10.63 3.89 -14.73
N ARG B 34 -9.53 3.71 -15.46
CA ARG B 34 -9.19 2.42 -16.06
C ARG B 34 -8.39 1.69 -14.97
N VAL B 35 -8.89 0.53 -14.57
CA VAL B 35 -8.25 -0.27 -13.52
C VAL B 35 -7.65 -1.53 -14.12
N LYS B 36 -6.39 -1.78 -13.79
CA LYS B 36 -5.71 -2.95 -14.32
C LYS B 36 -5.13 -3.92 -13.30
N ASN B 37 -5.18 -5.20 -13.63
CA ASN B 37 -4.59 -6.25 -12.80
C ASN B 37 -3.34 -6.68 -13.58
N TRP B 38 -2.17 -6.42 -13.02
CA TRP B 38 -0.89 -6.72 -13.67
C TRP B 38 -0.44 -8.18 -13.75
N GLU B 39 -1.13 -9.07 -13.04
CA GLU B 39 -0.78 -10.48 -13.08
C GLU B 39 -1.46 -11.13 -14.28
N LEU B 40 -2.73 -10.76 -14.51
CA LEU B 40 -3.51 -11.32 -15.60
C LEU B 40 -3.63 -10.42 -16.83
N GLY B 41 -3.30 -9.14 -16.67
CA GLY B 41 -3.40 -8.21 -17.79
C GLY B 41 -4.81 -7.74 -18.08
N SER B 42 -5.77 -8.15 -17.26
CA SER B 42 -7.16 -7.77 -17.45
C SER B 42 -7.44 -6.32 -17.06
N ILE B 43 -8.44 -5.72 -17.70
CA ILE B 43 -8.79 -4.34 -17.47
C ILE B 43 -10.30 -4.13 -17.24
N THR B 44 -10.64 -3.21 -16.35
CA THR B 44 -12.02 -2.86 -16.05
C THR B 44 -12.09 -1.34 -15.86
N TYR B 45 -13.27 -0.78 -16.04
CA TYR B 45 -13.48 0.64 -15.85
C TYR B 45 -14.46 0.83 -14.71
N ASP B 46 -14.06 1.58 -13.69
CA ASP B 46 -14.88 1.82 -12.52
C ASP B 46 -15.84 2.99 -12.76
N THR B 47 -17.13 2.67 -12.88
CA THR B 47 -18.14 3.70 -13.10
C THR B 47 -18.91 3.93 -11.80
N LEU B 48 -18.73 3.03 -10.84
CA LEU B 48 -19.39 3.14 -9.55
C LEU B 48 -18.92 4.37 -8.76
N CYS B 49 -17.66 4.75 -8.94
CA CYS B 49 -17.11 5.90 -8.21
C CYS B 49 -17.84 7.22 -8.49
N ALA B 50 -18.64 7.25 -9.55
CA ALA B 50 -19.38 8.47 -9.89
C ALA B 50 -20.52 8.70 -8.89
N GLN B 51 -20.90 7.63 -8.19
CA GLN B 51 -21.98 7.69 -7.20
C GLN B 51 -21.50 8.30 -5.87
N SER B 52 -20.20 8.50 -5.72
CA SER B 52 -19.68 9.06 -4.48
C SER B 52 -20.13 10.51 -4.34
N GLN B 53 -20.59 10.86 -3.14
CA GLN B 53 -21.04 12.22 -2.85
C GLN B 53 -20.20 12.82 -1.72
N GLN B 54 -19.43 11.97 -1.05
CA GLN B 54 -18.57 12.42 0.04
C GLN B 54 -17.12 12.49 -0.43
N ASP B 55 -16.41 13.52 0.03
CA ASP B 55 -15.02 13.75 -0.34
C ASP B 55 -13.99 13.05 0.53
N GLY B 56 -12.93 12.56 -0.10
CA GLY B 56 -11.86 11.90 0.62
C GLY B 56 -10.79 12.91 0.97
N PRO B 57 -9.57 12.48 1.34
CA PRO B 57 -8.51 13.43 1.70
C PRO B 57 -7.58 13.84 0.56
N CYS B 58 -7.73 13.23 -0.60
CA CYS B 58 -6.87 13.54 -1.74
C CYS B 58 -7.32 14.72 -2.60
N THR B 59 -6.36 15.27 -3.33
CA THR B 59 -6.56 16.39 -4.25
C THR B 59 -5.56 16.16 -5.38
N PRO B 60 -5.70 16.89 -6.50
CA PRO B 60 -4.76 16.71 -7.61
C PRO B 60 -3.31 17.04 -7.22
N ARG B 61 -3.15 17.90 -6.23
CA ARG B 61 -1.82 18.32 -5.77
C ARG B 61 -1.08 17.22 -5.02
N ARG B 62 -1.79 16.42 -4.24
CA ARG B 62 -1.14 15.34 -3.51
C ARG B 62 -2.10 14.26 -3.00
N CYS B 63 -1.62 13.02 -3.02
CA CYS B 63 -2.37 11.87 -2.56
C CYS B 63 -2.13 11.65 -1.06
N LEU B 64 -3.22 11.50 -0.30
CA LEU B 64 -3.13 11.27 1.14
C LEU B 64 -3.83 9.95 1.42
N GLY B 65 -3.91 9.12 0.38
CA GLY B 65 -4.56 7.83 0.48
C GLY B 65 -4.01 6.82 1.48
N SER B 66 -2.86 7.10 2.06
CA SER B 66 -2.28 6.16 3.03
C SER B 66 -2.49 6.53 4.48
N LEU B 67 -3.13 7.67 4.73
CA LEU B 67 -3.39 8.10 6.10
C LEU B 67 -4.52 7.27 6.70
N VAL B 68 -4.35 6.87 7.95
CA VAL B 68 -5.36 6.06 8.63
C VAL B 68 -6.63 6.85 8.97
N LEU B 69 -6.46 8.07 9.45
CA LEU B 69 -7.58 8.93 9.84
C LEU B 69 -7.64 10.24 9.08
N PRO B 70 -8.85 10.83 8.92
CA PRO B 70 -9.01 12.10 8.23
C PRO B 70 -8.55 13.18 9.20
N ARG B 71 -8.43 14.41 8.72
CA ARG B 71 -8.02 15.49 9.62
C ARG B 71 -9.25 15.87 10.42
N LYS B 72 -10.41 15.80 9.77
CA LYS B 72 -11.68 16.14 10.41
C LYS B 72 -12.91 15.60 9.68
N LEU B 73 -12.73 14.68 8.74
CA LEU B 73 -13.87 14.13 8.02
C LEU B 73 -14.80 13.33 8.92
N GLN B 74 -14.35 13.09 10.15
CA GLN B 74 -15.09 12.33 11.14
C GLN B 74 -16.61 12.39 11.09
N THR B 75 -17.14 12.87 12.20
CA THR B 75 -18.57 13.05 12.40
C THR B 75 -18.74 13.99 13.61
N ARG B 76 -18.71 15.29 13.33
CA ARG B 76 -18.89 16.32 14.36
C ARG B 76 -20.11 16.12 15.28
N PRO B 77 -20.20 16.89 16.38
CA PRO B 77 -21.29 16.81 17.35
C PRO B 77 -22.70 16.84 16.75
N SER B 78 -23.68 16.52 17.58
CA SER B 78 -25.07 16.52 17.14
C SER B 78 -25.96 17.26 18.14
N PRO B 79 -25.60 18.51 18.50
CA PRO B 79 -26.40 19.28 19.45
C PRO B 79 -27.55 19.98 18.74
N GLY B 80 -27.38 20.16 17.44
CA GLY B 80 -28.41 20.81 16.63
C GLY B 80 -28.89 19.88 15.53
N PRO B 81 -30.10 20.11 15.00
CA PRO B 81 -30.65 19.27 13.94
C PRO B 81 -29.96 19.47 12.58
N PRO B 82 -29.64 18.37 11.90
CA PRO B 82 -28.98 18.49 10.58
C PRO B 82 -29.94 19.15 9.58
N PRO B 83 -29.41 20.01 8.70
CA PRO B 83 -30.18 20.72 7.69
C PRO B 83 -31.19 19.84 6.95
N ALA B 84 -32.46 20.18 7.07
CA ALA B 84 -33.50 19.46 6.35
C ALA B 84 -33.21 19.18 4.84
N GLU B 85 -32.59 20.14 4.18
CA GLU B 85 -32.28 20.02 2.75
C GLU B 85 -31.31 18.88 2.52
N GLN B 86 -30.20 18.93 3.25
CA GLN B 86 -29.18 17.90 3.13
C GLN B 86 -29.62 16.53 3.65
N LEU B 87 -30.22 16.49 4.84
CA LEU B 87 -30.68 15.25 5.40
C LEU B 87 -31.71 14.61 4.46
N LEU B 88 -32.67 15.41 4.00
CA LEU B 88 -33.71 14.90 3.11
C LEU B 88 -33.15 14.29 1.83
N SER B 89 -32.09 14.88 1.29
CA SER B 89 -31.48 14.36 0.07
C SER B 89 -30.75 13.03 0.32
N GLN B 90 -30.12 12.92 1.48
CA GLN B 90 -29.41 11.69 1.83
C GLN B 90 -30.46 10.62 2.12
N ALA B 91 -31.54 11.04 2.77
CA ALA B 91 -32.62 10.13 3.09
C ALA B 91 -33.31 9.61 1.83
N ARG B 92 -33.74 10.52 0.96
CA ARG B 92 -34.40 10.09 -0.27
C ARG B 92 -33.50 9.17 -1.08
N ASP B 93 -32.22 9.51 -1.16
CA ASP B 93 -31.26 8.68 -1.89
C ASP B 93 -31.24 7.27 -1.32
N PHE B 94 -31.22 7.17 0.01
CA PHE B 94 -31.19 5.86 0.65
C PHE B 94 -32.48 5.10 0.39
N ILE B 95 -33.62 5.76 0.57
CA ILE B 95 -34.91 5.11 0.33
C ILE B 95 -34.93 4.60 -1.12
N ASN B 96 -34.34 5.36 -2.03
CA ASN B 96 -34.31 4.93 -3.43
C ASN B 96 -33.47 3.66 -3.54
N GLN B 97 -32.29 3.69 -2.92
CA GLN B 97 -31.41 2.54 -2.92
C GLN B 97 -32.15 1.29 -2.44
N TYR B 98 -32.90 1.45 -1.35
CA TYR B 98 -33.64 0.33 -0.75
C TYR B 98 -34.73 -0.28 -1.64
N TYR B 99 -35.64 0.54 -2.14
CA TYR B 99 -36.70 0.00 -2.99
C TYR B 99 -36.17 -0.55 -4.30
N SER B 100 -34.99 -0.09 -4.70
CA SER B 100 -34.38 -0.58 -5.92
C SER B 100 -33.89 -1.99 -5.63
N SER B 101 -33.39 -2.20 -4.41
CA SER B 101 -32.86 -3.51 -4.00
C SER B 101 -33.95 -4.57 -3.97
N ILE B 102 -35.18 -4.18 -3.61
CA ILE B 102 -36.28 -5.13 -3.57
C ILE B 102 -37.08 -5.06 -4.87
N LYS B 103 -36.49 -4.39 -5.85
CA LYS B 103 -37.08 -4.23 -7.19
C LYS B 103 -38.44 -3.56 -7.25
N ARG B 104 -38.87 -2.98 -6.15
CA ARG B 104 -40.16 -2.28 -6.12
C ARG B 104 -39.95 -0.81 -6.44
N SER B 105 -38.86 -0.53 -7.15
CA SER B 105 -38.53 0.83 -7.55
C SER B 105 -39.66 1.46 -8.36
N GLY B 106 -40.35 2.42 -7.75
CA GLY B 106 -41.44 3.09 -8.45
C GLY B 106 -42.83 2.78 -7.90
N SER B 107 -42.95 1.66 -7.19
CA SER B 107 -44.24 1.26 -6.63
C SER B 107 -44.85 2.34 -5.74
N GLN B 108 -46.08 2.12 -5.29
CA GLN B 108 -46.76 3.09 -4.43
C GLN B 108 -46.01 3.11 -3.10
N ALA B 109 -45.59 1.92 -2.67
CA ALA B 109 -44.85 1.77 -1.42
C ALA B 109 -43.66 2.71 -1.42
N HIS B 110 -42.91 2.70 -2.52
CA HIS B 110 -41.73 3.55 -2.65
C HIS B 110 -42.10 5.02 -2.50
N GLU B 111 -43.09 5.48 -3.28
CA GLU B 111 -43.50 6.89 -3.22
C GLU B 111 -44.05 7.31 -1.86
N GLU B 112 -44.79 6.42 -1.20
CA GLU B 112 -45.36 6.73 0.09
C GLU B 112 -44.29 6.73 1.19
N ARG B 113 -43.23 5.94 1.02
CA ARG B 113 -42.18 5.92 2.02
C ARG B 113 -41.43 7.25 1.93
N LEU B 114 -41.32 7.78 0.71
CA LEU B 114 -40.66 9.06 0.50
C LEU B 114 -41.52 10.13 1.15
N GLN B 115 -42.84 10.01 0.99
CA GLN B 115 -43.78 10.97 1.60
C GLN B 115 -43.53 10.98 3.10
N GLU B 116 -43.56 9.80 3.71
CA GLU B 116 -43.35 9.64 5.13
C GLU B 116 -42.07 10.31 5.61
N VAL B 117 -40.95 10.02 4.95
CA VAL B 117 -39.67 10.60 5.32
C VAL B 117 -39.71 12.12 5.18
N GLU B 118 -40.27 12.60 4.09
CA GLU B 118 -40.35 14.05 3.87
C GLU B 118 -41.15 14.69 5.00
N ALA B 119 -42.32 14.11 5.27
CA ALA B 119 -43.19 14.62 6.32
C ALA B 119 -42.54 14.62 7.69
N GLU B 120 -41.80 13.56 8.00
CA GLU B 120 -41.16 13.47 9.29
C GLU B 120 -40.01 14.47 9.45
N VAL B 121 -39.20 14.63 8.40
CA VAL B 121 -38.09 15.57 8.46
C VAL B 121 -38.61 17.00 8.60
N ALA B 122 -39.57 17.35 7.73
CA ALA B 122 -40.16 18.68 7.73
C ALA B 122 -40.69 19.12 9.09
N SER B 123 -41.32 18.19 9.80
CA SER B 123 -41.89 18.47 11.12
C SER B 123 -40.96 18.30 12.31
N THR B 124 -40.21 17.19 12.35
CA THR B 124 -39.32 16.90 13.46
C THR B 124 -37.83 17.23 13.23
N GLY B 125 -37.45 17.46 11.98
CA GLY B 125 -36.07 17.75 11.68
C GLY B 125 -35.24 16.47 11.57
N THR B 126 -35.91 15.31 11.62
CA THR B 126 -35.26 14.01 11.52
C THR B 126 -36.30 12.96 11.13
N TYR B 127 -35.90 11.69 11.10
CA TYR B 127 -36.81 10.61 10.77
C TYR B 127 -36.26 9.29 11.28
N HIS B 128 -37.01 8.22 11.10
CA HIS B 128 -36.59 6.92 11.57
C HIS B 128 -36.67 5.85 10.47
N LEU B 129 -35.89 4.79 10.64
CA LEU B 129 -35.85 3.71 9.67
C LEU B 129 -36.70 2.52 10.09
N ARG B 130 -37.20 1.80 9.11
CA ARG B 130 -37.99 0.60 9.35
C ARG B 130 -36.97 -0.51 9.49
N GLU B 131 -37.29 -1.55 10.26
CA GLU B 131 -36.35 -2.64 10.46
C GLU B 131 -35.78 -3.19 9.16
N SER B 132 -36.62 -3.39 8.16
CA SER B 132 -36.12 -3.93 6.88
C SER B 132 -35.11 -2.98 6.22
N GLU B 133 -35.37 -1.68 6.27
CA GLU B 133 -34.46 -0.71 5.68
C GLU B 133 -33.13 -0.71 6.44
N LEU B 134 -33.21 -0.78 7.76
CA LEU B 134 -32.02 -0.79 8.59
C LEU B 134 -31.18 -2.03 8.29
N VAL B 135 -31.83 -3.15 8.03
CA VAL B 135 -31.11 -4.38 7.72
C VAL B 135 -30.38 -4.22 6.39
N PHE B 136 -31.06 -3.61 5.42
CA PHE B 136 -30.47 -3.40 4.10
C PHE B 136 -29.31 -2.42 4.22
N GLY B 137 -29.49 -1.38 5.03
CA GLY B 137 -28.47 -0.37 5.22
C GLY B 137 -27.20 -0.91 5.84
N ALA B 138 -27.35 -1.75 6.86
CA ALA B 138 -26.20 -2.32 7.54
C ALA B 138 -25.38 -3.17 6.57
N LYS B 139 -26.06 -4.03 5.81
CA LYS B 139 -25.36 -4.88 4.85
C LYS B 139 -24.66 -4.03 3.80
N GLN B 140 -25.30 -2.96 3.39
CA GLN B 140 -24.74 -2.08 2.38
C GLN B 140 -23.51 -1.33 2.91
N ALA B 141 -23.54 -0.98 4.20
CA ALA B 141 -22.43 -0.26 4.82
C ALA B 141 -21.17 -1.13 4.81
N TRP B 142 -21.36 -2.42 5.05
CA TRP B 142 -20.26 -3.39 5.07
C TRP B 142 -19.74 -3.54 3.64
N ARG B 143 -20.66 -3.69 2.70
CA ARG B 143 -20.34 -3.83 1.29
C ARG B 143 -19.54 -2.65 0.79
N ASN B 144 -19.81 -1.47 1.33
CA ASN B 144 -19.10 -0.28 0.88
C ASN B 144 -17.80 0.03 1.63
N ALA B 145 -17.46 -0.77 2.63
CA ALA B 145 -16.24 -0.54 3.42
C ALA B 145 -14.97 -0.88 2.63
N PRO B 146 -14.27 0.15 2.14
CA PRO B 146 -13.04 0.05 1.35
C PRO B 146 -11.90 -0.75 2.01
N ARG B 147 -11.85 -0.72 3.34
CA ARG B 147 -10.79 -1.43 4.05
C ARG B 147 -11.09 -2.87 4.45
N CYS B 148 -12.28 -3.37 4.11
CA CYS B 148 -12.64 -4.74 4.48
C CYS B 148 -12.39 -5.77 3.37
N VAL B 149 -11.50 -6.72 3.64
CA VAL B 149 -11.15 -7.77 2.68
C VAL B 149 -12.10 -8.97 2.72
N GLY B 150 -13.00 -9.01 3.69
CA GLY B 150 -13.93 -10.13 3.79
C GLY B 150 -15.31 -9.82 3.25
N ARG B 151 -15.42 -8.76 2.45
CA ARG B 151 -16.69 -8.35 1.89
C ARG B 151 -17.44 -9.36 1.02
N ILE B 152 -16.83 -10.51 0.73
CA ILE B 152 -17.54 -11.47 -0.09
C ILE B 152 -18.70 -12.05 0.74
N GLN B 153 -18.62 -11.88 2.05
CA GLN B 153 -19.64 -12.36 2.97
C GLN B 153 -20.69 -11.29 3.25
N TRP B 154 -20.56 -10.12 2.63
CA TRP B 154 -21.48 -8.99 2.88
C TRP B 154 -22.97 -9.24 2.94
N GLY B 155 -23.47 -10.24 2.21
CA GLY B 155 -24.91 -10.50 2.23
C GLY B 155 -25.37 -11.37 3.38
N LYS B 156 -24.42 -11.93 4.12
CA LYS B 156 -24.75 -12.81 5.25
C LYS B 156 -24.41 -12.07 6.54
N LEU B 157 -25.38 -11.34 7.07
CA LEU B 157 -25.17 -10.56 8.29
C LEU B 157 -26.41 -10.54 9.17
N GLN B 158 -26.29 -11.06 10.39
CA GLN B 158 -27.39 -11.08 11.36
C GLN B 158 -27.47 -9.68 11.99
N VAL B 159 -28.59 -9.01 11.77
CA VAL B 159 -28.77 -7.66 12.29
C VAL B 159 -29.69 -7.63 13.50
N PHE B 160 -29.13 -7.27 14.66
CA PHE B 160 -29.90 -7.16 15.89
C PHE B 160 -30.32 -5.71 16.08
N ASP B 161 -31.64 -5.48 16.09
CA ASP B 161 -32.20 -4.15 16.27
C ASP B 161 -32.29 -3.85 17.76
N ALA B 162 -31.43 -2.96 18.24
CA ALA B 162 -31.40 -2.60 19.65
C ALA B 162 -31.78 -1.13 19.86
N ARG B 163 -32.56 -0.60 18.92
CA ARG B 163 -32.99 0.79 18.98
C ARG B 163 -33.98 1.07 20.11
N ASP B 164 -34.50 0.00 20.70
CA ASP B 164 -35.44 0.11 21.81
C ASP B 164 -34.62 -0.11 23.09
N CYS B 165 -33.53 0.64 23.20
CA CYS B 165 -32.64 0.55 24.34
C CYS B 165 -32.64 1.91 25.03
N SER B 166 -32.71 1.91 26.37
CA SER B 166 -32.73 3.18 27.09
C SER B 166 -31.75 3.28 28.26
N SER B 167 -30.88 2.29 28.40
CA SER B 167 -29.91 2.29 29.49
C SER B 167 -28.63 1.54 29.14
N ALA B 168 -27.55 1.85 29.86
CA ALA B 168 -26.28 1.16 29.65
C ALA B 168 -26.49 -0.32 29.95
N GLN B 169 -27.25 -0.59 31.01
CA GLN B 169 -27.56 -1.95 31.44
C GLN B 169 -28.21 -2.74 30.31
N GLU B 170 -29.11 -2.09 29.59
CA GLU B 170 -29.78 -2.73 28.47
C GLU B 170 -28.78 -2.99 27.35
N MET B 171 -27.84 -2.06 27.16
CA MET B 171 -26.82 -2.21 26.13
C MET B 171 -26.03 -3.46 26.43
N PHE B 172 -25.69 -3.63 27.70
CA PHE B 172 -24.92 -4.79 28.14
C PHE B 172 -25.63 -6.09 27.78
N THR B 173 -26.93 -6.15 28.05
CA THR B 173 -27.69 -7.35 27.75
C THR B 173 -27.67 -7.64 26.25
N TYR B 174 -27.94 -6.61 25.45
CA TYR B 174 -27.90 -6.77 24.00
C TYR B 174 -26.51 -7.24 23.56
N ILE B 175 -25.48 -6.61 24.12
CA ILE B 175 -24.11 -6.96 23.77
C ILE B 175 -23.74 -8.41 24.05
N CYS B 176 -24.17 -8.93 25.21
CA CYS B 176 -23.89 -10.32 25.55
C CYS B 176 -24.62 -11.25 24.61
N ASN B 177 -25.81 -10.83 24.18
CA ASN B 177 -26.59 -11.66 23.25
C ASN B 177 -25.88 -11.70 21.92
N HIS B 178 -25.32 -10.56 21.50
CA HIS B 178 -24.59 -10.47 20.23
C HIS B 178 -23.41 -11.43 20.28
N ILE B 179 -22.65 -11.34 21.37
CA ILE B 179 -21.48 -12.17 21.57
C ILE B 179 -21.79 -13.67 21.56
N LYS B 180 -22.81 -14.08 22.30
CA LYS B 180 -23.20 -15.49 22.36
C LYS B 180 -23.64 -16.00 21.00
N TYR B 181 -24.38 -15.16 20.27
CA TYR B 181 -24.85 -15.56 18.95
C TYR B 181 -23.70 -15.62 17.95
N ALA B 182 -22.88 -14.58 17.94
CA ALA B 182 -21.76 -14.51 17.01
C ALA B 182 -20.71 -15.59 17.22
N THR B 183 -20.37 -15.86 18.48
CA THR B 183 -19.36 -16.87 18.77
C THR B 183 -19.83 -18.26 18.36
N ASN B 184 -21.05 -18.61 18.75
CA ASN B 184 -21.65 -19.89 18.37
C ASN B 184 -20.75 -21.11 18.63
N ARG B 185 -20.14 -21.18 19.80
CA ARG B 185 -19.27 -22.30 20.16
C ARG B 185 -18.09 -22.53 19.22
N GLY B 186 -17.69 -21.51 18.48
CA GLY B 186 -16.55 -21.65 17.58
C GLY B 186 -16.87 -21.48 16.11
N ASN B 187 -18.13 -21.72 15.74
CA ASN B 187 -18.57 -21.59 14.37
C ASN B 187 -19.10 -20.16 14.21
N LEU B 188 -18.16 -19.21 14.24
CA LEU B 188 -18.48 -17.80 14.14
C LEU B 188 -19.45 -17.40 13.03
N ARG B 189 -20.34 -16.47 13.38
CA ARG B 189 -21.35 -15.94 12.46
C ARG B 189 -21.30 -14.43 12.51
N SER B 190 -21.28 -13.79 11.33
CA SER B 190 -21.22 -12.34 11.24
C SER B 190 -22.50 -11.70 11.80
N ALA B 191 -22.32 -10.65 12.59
CA ALA B 191 -23.47 -9.97 13.19
C ALA B 191 -23.18 -8.52 13.57
N ILE B 192 -24.25 -7.77 13.76
CA ILE B 192 -24.14 -6.37 14.15
C ILE B 192 -25.36 -6.04 15.00
N THR B 193 -25.16 -5.25 16.04
CA THR B 193 -26.23 -4.81 16.94
C THR B 193 -26.31 -3.30 16.76
N VAL B 194 -27.50 -2.79 16.50
CA VAL B 194 -27.68 -1.37 16.26
C VAL B 194 -28.45 -0.67 17.38
N PHE B 195 -27.75 0.17 18.14
CA PHE B 195 -28.36 0.92 19.23
C PHE B 195 -28.98 2.22 18.72
N PRO B 196 -29.71 2.97 19.59
CA PRO B 196 -30.35 4.23 19.19
C PRO B 196 -29.49 5.24 18.45
N GLN B 197 -30.06 5.80 17.39
CA GLN B 197 -29.39 6.79 16.56
C GLN B 197 -29.12 8.05 17.37
N ARG B 198 -28.31 8.92 16.80
CA ARG B 198 -27.98 10.18 17.43
C ARG B 198 -29.13 11.16 17.26
N ALA B 199 -29.31 12.03 18.25
CA ALA B 199 -30.37 13.02 18.22
C ALA B 199 -29.79 14.37 18.61
N PRO B 200 -30.16 15.43 17.89
CA PRO B 200 -29.65 16.78 18.17
C PRO B 200 -29.88 17.27 19.60
N GLY B 201 -30.93 16.79 20.24
CA GLY B 201 -31.21 17.24 21.59
C GLY B 201 -30.51 16.51 22.74
N ARG B 202 -29.58 15.61 22.44
CA ARG B 202 -28.88 14.88 23.50
C ARG B 202 -27.58 14.17 23.14
N GLY B 203 -26.93 13.66 24.18
CA GLY B 203 -25.69 12.94 24.00
C GLY B 203 -25.88 11.62 23.27
N ASP B 204 -24.76 10.96 22.97
CA ASP B 204 -24.75 9.70 22.23
C ASP B 204 -24.70 8.44 23.07
N PHE B 205 -25.19 7.34 22.49
CA PHE B 205 -25.09 6.04 23.12
C PHE B 205 -23.68 5.67 22.60
N ARG B 206 -22.80 5.23 23.48
CA ARG B 206 -21.45 4.89 23.05
C ARG B 206 -20.83 3.72 23.79
N ILE B 207 -20.05 2.93 23.06
CA ILE B 207 -19.32 1.83 23.65
C ILE B 207 -17.93 2.44 23.63
N TRP B 208 -17.36 2.68 24.80
CA TRP B 208 -16.05 3.31 24.90
C TRP B 208 -14.91 2.44 24.38
N ASN B 209 -15.04 1.14 24.54
CA ASN B 209 -14.02 0.22 24.07
C ASN B 209 -14.02 0.17 22.54
N SER B 210 -12.83 -0.02 21.96
CA SER B 210 -12.70 -0.08 20.50
C SER B 210 -13.19 -1.43 19.97
N GLN B 211 -13.14 -2.44 20.81
CA GLN B 211 -13.62 -3.78 20.46
C GLN B 211 -14.32 -4.37 21.67
N LEU B 212 -15.28 -5.25 21.45
CA LEU B 212 -16.01 -5.85 22.56
C LEU B 212 -15.06 -6.71 23.42
N VAL B 213 -14.03 -7.28 22.81
CA VAL B 213 -13.06 -8.08 23.56
C VAL B 213 -11.68 -7.42 23.36
N ARG B 214 -11.03 -7.07 24.47
CA ARG B 214 -9.72 -6.41 24.45
C ARG B 214 -8.91 -6.84 25.66
N TYR B 215 -7.59 -6.94 25.50
CA TYR B 215 -6.73 -7.33 26.62
C TYR B 215 -6.17 -6.05 27.22
N ALA B 216 -6.05 -6.03 28.54
CA ALA B 216 -5.54 -4.86 29.25
C ALA B 216 -4.09 -4.55 28.95
N GLY B 217 -3.74 -3.27 29.11
CA GLY B 217 -2.38 -2.81 28.90
C GLY B 217 -2.00 -1.92 30.08
N TYR B 218 -1.26 -2.49 31.03
CA TYR B 218 -0.86 -1.74 32.22
C TYR B 218 0.51 -1.08 32.06
N ARG B 219 0.53 0.24 32.16
CA ARG B 219 1.77 1.00 32.04
C ARG B 219 2.58 0.86 33.33
N GLN B 220 3.52 -0.09 33.34
CA GLN B 220 4.36 -0.35 34.50
C GLN B 220 5.49 0.65 34.71
N GLN B 221 5.68 1.04 35.97
CA GLN B 221 6.71 1.98 36.41
C GLN B 221 7.76 2.42 35.40
N ASP B 222 8.60 1.47 34.98
CA ASP B 222 9.69 1.75 34.02
C ASP B 222 9.26 2.03 32.59
N GLY B 223 8.18 2.79 32.42
CA GLY B 223 7.72 3.12 31.07
C GLY B 223 7.19 1.91 30.31
N SER B 224 7.56 0.73 30.77
CA SER B 224 7.15 -0.53 30.17
C SER B 224 5.62 -0.65 30.12
N VAL B 225 5.15 -1.74 29.49
CA VAL B 225 3.73 -1.99 29.38
C VAL B 225 3.46 -3.49 29.45
N ARG B 226 2.63 -3.90 30.40
CA ARG B 226 2.26 -5.30 30.54
C ARG B 226 0.96 -5.48 29.76
N GLY B 227 0.93 -6.46 28.87
CA GLY B 227 -0.27 -6.71 28.08
C GLY B 227 -0.27 -6.07 26.71
N ASP B 228 -1.43 -5.61 26.27
CA ASP B 228 -1.56 -4.99 24.95
C ASP B 228 -1.41 -3.47 25.03
N PRO B 229 -0.28 -2.93 24.53
CA PRO B 229 0.03 -1.50 24.53
C PRO B 229 -1.05 -0.65 23.85
N ALA B 230 -1.80 -1.27 22.95
CA ALA B 230 -2.84 -0.56 22.23
C ALA B 230 -4.00 -0.19 23.15
N ASN B 231 -4.13 -0.92 24.25
CA ASN B 231 -5.25 -0.67 25.15
C ASN B 231 -4.90 0.00 26.48
N VAL B 232 -3.77 0.69 26.52
CA VAL B 232 -3.35 1.37 27.74
C VAL B 232 -4.36 2.41 28.21
N GLU B 233 -4.77 3.29 27.29
CA GLU B 233 -5.71 4.34 27.63
C GLU B 233 -7.05 3.82 28.14
N ILE B 234 -7.63 2.85 27.44
CA ILE B 234 -8.93 2.31 27.85
C ILE B 234 -8.83 1.51 29.15
N THR B 235 -7.68 0.90 29.39
CA THR B 235 -7.48 0.14 30.62
C THR B 235 -7.50 1.12 31.81
N GLU B 236 -6.86 2.27 31.65
CA GLU B 236 -6.81 3.29 32.69
C GLU B 236 -8.22 3.82 32.97
N LEU B 237 -8.96 4.12 31.91
CA LEU B 237 -10.31 4.63 32.07
C LEU B 237 -11.17 3.68 32.88
N CYS B 238 -11.06 2.39 32.60
CA CYS B 238 -11.84 1.39 33.32
C CYS B 238 -11.47 1.40 34.80
N ILE B 239 -10.18 1.57 35.10
CA ILE B 239 -9.71 1.61 36.47
C ILE B 239 -10.22 2.89 37.13
N GLN B 240 -10.16 3.98 36.37
CA GLN B 240 -10.64 5.28 36.82
C GLN B 240 -12.11 5.18 37.22
N HIS B 241 -12.85 4.30 36.54
CA HIS B 241 -14.27 4.14 36.82
C HIS B 241 -14.58 2.96 37.75
N GLY B 242 -13.60 2.53 38.53
CA GLY B 242 -13.83 1.46 39.49
C GLY B 242 -13.51 0.01 39.18
N TRP B 243 -12.78 -0.27 38.11
CA TRP B 243 -12.45 -1.66 37.83
C TRP B 243 -11.26 -2.11 38.66
N THR B 244 -11.33 -3.34 39.17
CA THR B 244 -10.23 -3.90 39.93
C THR B 244 -9.36 -4.65 38.93
N PRO B 245 -8.22 -4.06 38.56
CA PRO B 245 -7.28 -4.65 37.58
C PRO B 245 -6.51 -5.88 38.03
N GLY B 246 -6.04 -6.63 37.04
CA GLY B 246 -5.24 -7.81 37.29
C GLY B 246 -3.82 -7.42 36.90
N ASN B 247 -2.99 -8.40 36.54
CA ASN B 247 -1.62 -8.10 36.14
C ASN B 247 -1.04 -9.17 35.22
N GLY B 248 -1.87 -9.68 34.32
CA GLY B 248 -1.42 -10.67 33.37
C GLY B 248 -1.20 -9.99 32.05
N ARG B 249 -0.88 -10.76 31.00
CA ARG B 249 -0.65 -10.19 29.68
C ARG B 249 -1.92 -10.31 28.85
N PHE B 250 -2.85 -11.15 29.29
CA PHE B 250 -4.10 -11.36 28.58
C PHE B 250 -5.34 -11.30 29.47
N ASP B 251 -5.51 -10.20 30.20
CA ASP B 251 -6.68 -10.05 31.06
C ASP B 251 -7.77 -9.34 30.28
N VAL B 252 -8.87 -10.06 30.03
CA VAL B 252 -9.98 -9.46 29.29
C VAL B 252 -10.54 -8.27 30.05
N LEU B 253 -10.60 -7.13 29.35
CA LEU B 253 -11.11 -5.90 29.93
C LEU B 253 -12.62 -5.90 30.06
N PRO B 254 -13.15 -5.06 30.97
CA PRO B 254 -14.60 -4.95 31.18
C PRO B 254 -15.10 -3.87 30.22
N LEU B 255 -16.41 -3.82 30.00
CA LEU B 255 -16.95 -2.83 29.07
C LEU B 255 -17.44 -1.56 29.74
N LEU B 256 -17.17 -0.43 29.09
CA LEU B 256 -17.61 0.87 29.58
C LEU B 256 -18.70 1.33 28.62
N LEU B 257 -19.96 1.10 29.00
CA LEU B 257 -21.09 1.46 28.16
C LEU B 257 -21.71 2.78 28.61
N GLN B 258 -21.94 3.66 27.65
CA GLN B 258 -22.48 4.96 27.96
C GLN B 258 -23.84 5.29 27.35
N ALA B 259 -24.81 5.59 28.21
CA ALA B 259 -26.14 5.97 27.79
C ALA B 259 -26.12 7.51 27.73
N PRO B 260 -26.99 8.11 26.89
CA PRO B 260 -27.07 9.57 26.71
C PRO B 260 -26.84 10.46 27.93
N ASP B 261 -25.88 11.37 27.80
CA ASP B 261 -25.54 12.34 28.84
C ASP B 261 -25.27 11.75 30.22
N GLU B 262 -24.97 10.46 30.28
CA GLU B 262 -24.67 9.82 31.56
C GLU B 262 -23.22 9.36 31.58
N ALA B 263 -22.65 9.27 32.77
CA ALA B 263 -21.28 8.81 32.91
C ALA B 263 -21.28 7.35 32.45
N PRO B 264 -20.17 6.88 31.88
CA PRO B 264 -20.15 5.48 31.44
C PRO B 264 -20.23 4.52 32.63
N GLU B 265 -20.75 3.32 32.39
CA GLU B 265 -20.86 2.30 33.44
C GLU B 265 -19.97 1.12 33.13
N LEU B 266 -19.50 0.45 34.19
CA LEU B 266 -18.62 -0.71 34.06
C LEU B 266 -19.38 -2.04 34.14
N PHE B 267 -19.11 -2.93 33.18
CA PHE B 267 -19.75 -4.25 33.16
C PHE B 267 -18.69 -5.30 32.81
N VAL B 268 -18.60 -6.35 33.63
CA VAL B 268 -17.64 -7.42 33.40
C VAL B 268 -18.32 -8.53 32.60
N LEU B 269 -17.70 -8.92 31.50
CA LEU B 269 -18.24 -9.95 30.64
C LEU B 269 -18.10 -11.34 31.23
N PRO B 270 -19.18 -12.14 31.20
CA PRO B 270 -19.14 -13.51 31.73
C PRO B 270 -18.07 -14.30 30.99
N PRO B 271 -17.05 -14.78 31.71
CA PRO B 271 -15.95 -15.56 31.12
C PRO B 271 -16.37 -16.63 30.14
N GLU B 272 -17.55 -17.22 30.36
CA GLU B 272 -18.01 -18.27 29.47
C GLU B 272 -18.44 -17.72 28.11
N LEU B 273 -18.66 -16.40 28.04
CA LEU B 273 -19.06 -15.77 26.77
C LEU B 273 -17.87 -15.40 25.92
N VAL B 274 -16.70 -15.23 26.55
CA VAL B 274 -15.47 -14.87 25.84
C VAL B 274 -14.60 -16.06 25.48
N LEU B 275 -14.84 -16.62 24.30
CA LEU B 275 -14.07 -17.76 23.80
C LEU B 275 -12.64 -17.34 23.44
N GLU B 276 -11.67 -18.05 24.00
CA GLU B 276 -10.27 -17.75 23.74
C GLU B 276 -9.56 -18.99 23.22
N VAL B 277 -8.54 -18.78 22.39
CA VAL B 277 -7.79 -19.88 21.80
C VAL B 277 -6.32 -19.85 22.22
N PRO B 278 -5.87 -20.87 22.96
CA PRO B 278 -4.46 -20.93 23.38
C PRO B 278 -3.59 -21.29 22.18
N LEU B 279 -2.49 -20.57 22.00
CA LEU B 279 -1.62 -20.81 20.85
C LEU B 279 -0.49 -21.81 21.04
N GLU B 280 -0.39 -22.72 20.08
CA GLU B 280 0.65 -23.73 20.09
C GLU B 280 1.08 -23.92 18.63
N HIS B 281 2.24 -24.51 18.41
CA HIS B 281 2.75 -24.71 17.06
C HIS B 281 2.63 -26.18 16.64
N PRO B 282 2.31 -26.45 15.37
CA PRO B 282 2.18 -27.84 14.93
C PRO B 282 3.42 -28.71 15.07
N THR B 283 4.61 -28.12 15.03
CA THR B 283 5.84 -28.89 15.17
C THR B 283 6.79 -28.41 16.27
N LEU B 284 6.73 -27.13 16.61
CA LEU B 284 7.60 -26.58 17.65
C LEU B 284 6.93 -26.72 19.02
N GLU B 285 7.34 -27.74 19.76
CA GLU B 285 6.79 -28.05 21.08
C GLU B 285 6.87 -26.93 22.10
N TRP B 286 7.97 -26.19 22.05
CA TRP B 286 8.20 -25.10 22.99
C TRP B 286 7.30 -23.88 22.79
N PHE B 287 6.62 -23.79 21.65
CA PHE B 287 5.77 -22.63 21.38
C PHE B 287 4.67 -22.46 22.42
N ALA B 288 3.96 -23.55 22.71
CA ALA B 288 2.88 -23.51 23.69
C ALA B 288 3.37 -22.94 25.04
N ALA B 289 4.61 -23.24 25.38
CA ALA B 289 5.21 -22.78 26.64
C ALA B 289 5.24 -21.27 26.75
N LEU B 290 5.02 -20.58 25.63
CA LEU B 290 5.03 -19.13 25.64
C LEU B 290 3.76 -18.53 26.26
N GLY B 291 2.74 -19.34 26.45
CA GLY B 291 1.51 -18.87 27.05
C GLY B 291 0.69 -17.89 26.21
N LEU B 292 0.95 -17.86 24.90
CA LEU B 292 0.22 -16.97 24.01
C LEU B 292 -1.21 -17.46 23.76
N ARG B 293 -2.14 -16.53 23.63
CA ARG B 293 -3.54 -16.85 23.37
C ARG B 293 -4.21 -15.63 22.77
N TRP B 294 -5.35 -15.81 22.13
CA TRP B 294 -6.09 -14.69 21.57
C TRP B 294 -7.56 -15.06 21.49
N TYR B 295 -8.43 -14.07 21.64
CA TYR B 295 -9.86 -14.32 21.60
C TYR B 295 -10.35 -14.65 20.21
N ALA B 296 -11.50 -15.33 20.16
CA ALA B 296 -12.06 -15.76 18.90
C ALA B 296 -12.87 -14.71 18.14
N LEU B 297 -13.55 -13.84 18.88
CA LEU B 297 -14.42 -12.82 18.29
C LEU B 297 -13.91 -11.41 18.07
N PRO B 298 -13.73 -11.01 16.80
CA PRO B 298 -13.26 -9.67 16.48
C PRO B 298 -14.50 -8.80 16.28
N ALA B 299 -14.75 -7.90 17.23
CA ALA B 299 -15.92 -7.04 17.14
C ALA B 299 -15.63 -5.56 17.37
N VAL B 300 -15.59 -4.79 16.30
CA VAL B 300 -15.34 -3.36 16.37
C VAL B 300 -16.59 -2.71 16.96
N SER B 301 -16.38 -1.84 17.96
CA SER B 301 -17.48 -1.18 18.66
C SER B 301 -17.34 0.34 18.81
N ASN B 302 -16.37 0.94 18.12
CA ASN B 302 -16.19 2.39 18.23
C ASN B 302 -16.47 3.16 16.94
N MET B 303 -16.98 2.47 15.93
CA MET B 303 -17.28 3.13 14.67
C MET B 303 -18.75 3.55 14.55
N LEU B 304 -18.98 4.58 13.76
CA LEU B 304 -20.32 5.11 13.57
C LEU B 304 -20.91 4.59 12.27
N LEU B 305 -22.15 4.10 12.34
CA LEU B 305 -22.84 3.58 11.17
C LEU B 305 -23.79 4.64 10.63
N GLU B 306 -23.55 5.09 9.41
CA GLU B 306 -24.39 6.10 8.80
C GLU B 306 -25.29 5.53 7.72
N ILE B 307 -26.59 5.68 7.90
CA ILE B 307 -27.56 5.19 6.93
C ILE B 307 -28.54 6.31 6.61
N GLY B 308 -28.66 6.64 5.33
CA GLY B 308 -29.57 7.68 4.89
C GLY B 308 -29.54 8.99 5.67
N GLY B 309 -28.36 9.40 6.12
CA GLY B 309 -28.26 10.65 6.85
C GLY B 309 -28.39 10.47 8.35
N LEU B 310 -28.88 9.30 8.76
CA LEU B 310 -29.03 9.01 10.18
C LEU B 310 -27.72 8.43 10.69
N GLU B 311 -27.39 8.70 11.95
CA GLU B 311 -26.14 8.23 12.50
C GLU B 311 -26.31 7.37 13.74
N PHE B 312 -25.67 6.22 13.73
CA PHE B 312 -25.74 5.29 14.84
C PHE B 312 -24.36 5.21 15.48
N SER B 313 -24.19 5.98 16.56
CA SER B 313 -22.91 6.06 17.27
C SER B 313 -22.49 4.78 18.00
N ALA B 314 -23.42 3.84 18.15
CA ALA B 314 -23.11 2.58 18.81
C ALA B 314 -23.76 1.47 17.99
N ALA B 315 -22.92 0.74 17.24
CA ALA B 315 -23.41 -0.35 16.39
C ALA B 315 -22.28 -1.35 16.18
N PRO B 316 -21.88 -2.06 17.25
CA PRO B 316 -20.81 -3.05 17.19
C PRO B 316 -21.09 -4.13 16.17
N PHE B 317 -20.05 -4.47 15.40
CA PHE B 317 -20.17 -5.49 14.37
C PHE B 317 -19.02 -6.46 14.46
N SER B 318 -19.29 -7.69 14.04
CA SER B 318 -18.26 -8.71 14.11
C SER B 318 -18.40 -9.75 13.01
N GLY B 319 -17.29 -10.41 12.71
CA GLY B 319 -17.26 -11.47 11.72
C GLY B 319 -16.26 -12.43 12.30
N TRP B 320 -15.24 -12.79 11.54
CA TRP B 320 -14.20 -13.66 12.06
C TRP B 320 -12.84 -13.14 11.61
N TYR B 321 -11.80 -13.56 12.30
CA TYR B 321 -10.44 -13.12 12.02
C TYR B 321 -9.74 -13.69 10.78
N MET B 322 -8.85 -12.88 10.22
CA MET B 322 -8.02 -13.34 9.11
C MET B 322 -6.75 -13.53 9.93
N SER B 323 -6.15 -14.72 9.84
CA SER B 323 -4.97 -15.03 10.64
C SER B 323 -3.88 -13.96 10.81
N THR B 324 -3.64 -13.14 9.79
CA THR B 324 -2.58 -12.12 9.90
C THR B 324 -2.87 -11.02 10.89
N GLU B 325 -4.15 -10.78 11.19
CA GLU B 325 -4.52 -9.75 12.16
C GLU B 325 -3.92 -10.10 13.52
N ILE B 326 -3.95 -11.39 13.86
CA ILE B 326 -3.43 -11.89 15.13
C ILE B 326 -1.94 -12.23 15.07
N GLY B 327 -1.59 -13.14 14.17
CA GLY B 327 -0.21 -13.56 14.03
C GLY B 327 0.80 -12.52 13.60
N THR B 328 0.39 -11.57 12.77
CA THR B 328 1.32 -10.56 12.29
C THR B 328 1.21 -9.23 13.03
N ARG B 329 0.06 -8.59 12.95
CA ARG B 329 -0.14 -7.29 13.58
C ARG B 329 -0.19 -7.28 15.10
N ASN B 330 -1.20 -7.94 15.67
CA ASN B 330 -1.38 -7.95 17.11
C ASN B 330 -0.21 -8.52 17.92
N LEU B 331 0.37 -9.61 17.43
CA LEU B 331 1.47 -10.25 18.14
C LEU B 331 2.87 -9.77 17.75
N CYS B 332 3.03 -9.32 16.50
CA CYS B 332 4.35 -8.87 16.02
C CYS B 332 4.61 -7.38 15.86
N ASP B 333 3.57 -6.55 15.83
CA ASP B 333 3.80 -5.11 15.70
C ASP B 333 4.70 -4.67 16.85
N PRO B 334 5.68 -3.81 16.58
CA PRO B 334 6.58 -3.35 17.65
C PRO B 334 5.83 -2.63 18.78
N HIS B 335 4.76 -1.95 18.43
CA HIS B 335 3.98 -1.23 19.43
C HIS B 335 2.84 -2.06 20.00
N ARG B 336 2.84 -3.35 19.71
CA ARG B 336 1.83 -4.26 20.25
C ARG B 336 2.54 -5.27 21.16
N TYR B 337 2.23 -6.57 21.02
CA TYR B 337 2.89 -7.55 21.87
C TYR B 337 4.36 -7.74 21.53
N ASN B 338 4.74 -7.40 20.30
CA ASN B 338 6.14 -7.46 19.90
C ASN B 338 6.90 -8.72 20.36
N ILE B 339 6.43 -9.90 19.95
CA ILE B 339 7.06 -11.18 20.33
C ILE B 339 8.07 -11.73 19.32
N LEU B 340 8.26 -11.04 18.21
CA LEU B 340 9.17 -11.47 17.16
C LEU B 340 10.51 -12.02 17.67
N GLU B 341 11.23 -11.21 18.44
CA GLU B 341 12.52 -11.61 18.94
C GLU B 341 12.48 -12.84 19.85
N ASP B 342 11.57 -12.84 20.82
CA ASP B 342 11.44 -13.97 21.73
C ASP B 342 11.30 -15.28 20.94
N VAL B 343 10.45 -15.27 19.92
CA VAL B 343 10.24 -16.45 19.09
C VAL B 343 11.49 -16.78 18.28
N ALA B 344 12.21 -15.75 17.86
CA ALA B 344 13.43 -15.95 17.09
C ALA B 344 14.46 -16.69 17.94
N VAL B 345 14.64 -16.21 19.17
CA VAL B 345 15.59 -16.82 20.09
C VAL B 345 15.20 -18.25 20.39
N CYS B 346 13.91 -18.51 20.55
CA CYS B 346 13.44 -19.86 20.81
C CYS B 346 13.73 -20.76 19.62
N MET B 347 13.75 -20.17 18.44
CA MET B 347 14.02 -20.90 17.21
C MET B 347 15.52 -20.97 17.01
N ASP B 348 16.24 -20.23 17.86
CA ASP B 348 17.68 -20.19 17.80
C ASP B 348 18.14 -19.59 16.47
N LEU B 349 17.60 -18.44 16.11
CA LEU B 349 17.94 -17.78 14.86
C LEU B 349 19.03 -16.74 15.09
N ASP B 350 19.65 -16.30 14.00
CA ASP B 350 20.72 -15.30 14.07
C ASP B 350 20.14 -13.90 14.12
N THR B 351 19.91 -13.41 15.33
CA THR B 351 19.35 -12.07 15.52
C THR B 351 20.42 -10.98 15.38
N ARG B 352 21.64 -11.38 15.06
CA ARG B 352 22.73 -10.43 14.91
C ARG B 352 22.47 -9.45 13.77
N THR B 353 22.22 -10.01 12.59
CA THR B 353 21.96 -9.19 11.41
C THR B 353 20.55 -9.34 10.87
N THR B 354 20.13 -8.35 10.09
CA THR B 354 18.80 -8.34 9.48
C THR B 354 18.79 -9.28 8.29
N SER B 355 19.94 -9.40 7.64
CA SER B 355 20.11 -10.23 6.46
C SER B 355 19.85 -11.73 6.64
N SER B 356 19.74 -12.18 7.88
CA SER B 356 19.46 -13.59 8.14
C SER B 356 17.95 -13.83 8.03
N LEU B 357 17.20 -12.73 7.93
CA LEU B 357 15.74 -12.76 7.81
C LEU B 357 15.07 -13.46 8.98
N TRP B 358 15.64 -13.33 10.17
CA TRP B 358 15.07 -13.95 11.36
C TRP B 358 13.66 -13.46 11.64
N LYS B 359 13.40 -12.20 11.35
CA LYS B 359 12.08 -11.61 11.57
C LYS B 359 11.05 -12.27 10.66
N ASP B 360 11.41 -12.48 9.40
CA ASP B 360 10.51 -13.07 8.43
C ASP B 360 10.21 -14.52 8.81
N LYS B 361 11.22 -15.23 9.28
CA LYS B 361 11.05 -16.62 9.67
C LYS B 361 10.16 -16.77 10.89
N ALA B 362 10.45 -16.02 11.95
CA ALA B 362 9.64 -16.10 13.16
C ALA B 362 8.20 -15.73 12.85
N ALA B 363 8.03 -14.68 12.04
CA ALA B 363 6.69 -14.23 11.67
C ALA B 363 5.87 -15.34 11.01
N VAL B 364 6.47 -16.04 10.04
CA VAL B 364 5.76 -17.11 9.36
C VAL B 364 5.30 -18.20 10.34
N GLU B 365 6.19 -18.62 11.24
CA GLU B 365 5.82 -19.65 12.22
C GLU B 365 4.69 -19.19 13.14
N ILE B 366 4.72 -17.92 13.54
CA ILE B 366 3.72 -17.37 14.42
C ILE B 366 2.35 -17.38 13.74
N ASN B 367 2.32 -17.03 12.46
CA ASN B 367 1.06 -17.05 11.72
C ASN B 367 0.62 -18.50 11.55
N LEU B 368 1.58 -19.41 11.50
CA LEU B 368 1.26 -20.82 11.35
C LEU B 368 0.65 -21.33 12.66
N ALA B 369 1.25 -20.93 13.76
CA ALA B 369 0.76 -21.33 15.08
C ALA B 369 -0.70 -20.84 15.26
N VAL B 370 -0.98 -19.63 14.78
CA VAL B 370 -2.31 -19.07 14.90
C VAL B 370 -3.32 -19.90 14.09
N LEU B 371 -2.97 -20.23 12.85
CA LEU B 371 -3.86 -21.04 12.01
C LEU B 371 -4.06 -22.45 12.57
N HIS B 372 -2.98 -23.03 13.10
CA HIS B 372 -3.02 -24.38 13.68
C HIS B 372 -3.93 -24.43 14.90
N SER B 373 -3.71 -23.52 15.83
CA SER B 373 -4.48 -23.44 17.06
C SER B 373 -5.98 -23.20 16.83
N PHE B 374 -6.33 -22.17 16.07
CA PHE B 374 -7.74 -21.90 15.82
C PHE B 374 -8.41 -23.11 15.19
N GLN B 375 -7.70 -23.76 14.28
CA GLN B 375 -8.25 -24.94 13.61
C GLN B 375 -8.35 -26.13 14.56
N LEU B 376 -7.45 -26.18 15.54
CA LEU B 376 -7.46 -27.27 16.50
C LEU B 376 -8.63 -27.08 17.45
N ALA B 377 -8.87 -25.82 17.80
CA ALA B 377 -9.96 -25.45 18.71
C ALA B 377 -11.31 -25.34 18.01
N LYS B 378 -11.36 -25.68 16.72
CA LYS B 378 -12.60 -25.61 15.96
C LYS B 378 -13.18 -24.19 16.01
N VAL B 379 -12.34 -23.19 15.80
CA VAL B 379 -12.79 -21.81 15.79
C VAL B 379 -12.52 -21.23 14.41
N THR B 380 -13.53 -20.57 13.84
CA THR B 380 -13.42 -19.99 12.51
C THR B 380 -12.28 -18.99 12.36
N ILE B 381 -11.48 -19.22 11.32
CA ILE B 381 -10.33 -18.38 10.98
C ILE B 381 -10.12 -18.54 9.48
N VAL B 382 -9.50 -17.55 8.85
CA VAL B 382 -9.21 -17.62 7.42
C VAL B 382 -7.80 -17.06 7.20
N ASP B 383 -6.99 -17.77 6.43
CA ASP B 383 -5.64 -17.28 6.17
C ASP B 383 -5.68 -16.23 5.08
N HIS B 384 -4.60 -15.47 4.97
CA HIS B 384 -4.51 -14.39 4.00
C HIS B 384 -4.53 -14.78 2.52
N HIS B 385 -4.24 -16.04 2.21
CA HIS B 385 -4.25 -16.46 0.82
C HIS B 385 -5.69 -16.73 0.42
N ALA B 386 -6.38 -17.49 1.25
CA ALA B 386 -7.77 -17.82 1.01
C ALA B 386 -8.63 -16.55 0.99
N ALA B 387 -8.39 -15.67 1.97
CA ALA B 387 -9.15 -14.44 2.09
C ALA B 387 -9.05 -13.52 0.87
N THR B 388 -7.83 -13.23 0.44
CA THR B 388 -7.65 -12.36 -0.71
C THR B 388 -8.17 -13.01 -1.99
N VAL B 389 -8.08 -14.33 -2.08
CA VAL B 389 -8.61 -15.02 -3.27
C VAL B 389 -10.12 -14.79 -3.32
N SER B 390 -10.79 -14.85 -2.16
CA SER B 390 -12.23 -14.62 -2.13
C SER B 390 -12.53 -13.15 -2.44
N PHE B 391 -11.62 -12.24 -2.07
CA PHE B 391 -11.85 -10.82 -2.35
C PHE B 391 -11.76 -10.56 -3.85
N MET B 392 -10.84 -11.25 -4.53
CA MET B 392 -10.70 -11.09 -5.97
C MET B 392 -12.01 -11.48 -6.63
N LYS B 393 -12.60 -12.58 -6.15
CA LYS B 393 -13.88 -13.02 -6.69
C LYS B 393 -14.94 -11.96 -6.40
N HIS B 394 -14.85 -11.37 -5.21
CA HIS B 394 -15.79 -10.34 -4.81
C HIS B 394 -15.68 -9.14 -5.74
N LEU B 395 -14.44 -8.75 -6.06
CA LEU B 395 -14.22 -7.62 -6.97
C LEU B 395 -14.91 -7.88 -8.29
N ASP B 396 -14.83 -9.13 -8.75
CA ASP B 396 -15.45 -9.54 -10.00
C ASP B 396 -16.98 -9.44 -9.89
N ASN B 397 -17.56 -9.95 -8.80
CA ASN B 397 -19.01 -9.90 -8.60
C ASN B 397 -19.52 -8.47 -8.62
N GLU B 398 -18.78 -7.60 -7.92
CA GLU B 398 -19.15 -6.19 -7.81
C GLU B 398 -19.02 -5.42 -9.12
N GLN B 399 -18.11 -5.87 -9.97
CA GLN B 399 -17.91 -5.21 -11.26
C GLN B 399 -19.16 -5.40 -12.11
N LYS B 400 -19.72 -6.60 -12.07
CA LYS B 400 -20.92 -6.92 -12.83
C LYS B 400 -22.16 -6.33 -12.18
N ALA B 401 -22.20 -6.33 -10.85
CA ALA B 401 -23.34 -5.83 -10.11
C ALA B 401 -23.48 -4.30 -10.02
N ARG B 402 -22.40 -3.61 -9.70
CA ARG B 402 -22.47 -2.15 -9.56
C ARG B 402 -21.47 -1.40 -10.42
N GLY B 403 -20.70 -2.12 -11.21
CA GLY B 403 -19.73 -1.46 -12.06
C GLY B 403 -18.46 -0.99 -11.34
N GLY B 404 -18.15 -1.64 -10.22
CA GLY B 404 -16.96 -1.26 -9.47
C GLY B 404 -17.00 -1.65 -8.01
N CYS B 405 -15.92 -1.35 -7.30
CA CYS B 405 -15.84 -1.67 -5.88
C CYS B 405 -14.76 -0.83 -5.22
N PRO B 406 -15.13 0.02 -4.25
CA PRO B 406 -14.14 0.85 -3.57
C PRO B 406 -13.25 -0.02 -2.68
N ALA B 407 -11.94 0.12 -2.85
CA ALA B 407 -11.00 -0.68 -2.08
C ALA B 407 -9.77 0.13 -1.73
N ASP B 408 -9.32 -0.04 -0.49
CA ASP B 408 -8.17 0.65 0.03
C ASP B 408 -6.98 -0.32 -0.06
N TRP B 409 -6.20 -0.15 -1.11
CA TRP B 409 -5.05 -1.00 -1.40
C TRP B 409 -4.14 -1.30 -0.21
N ALA B 410 -3.74 -0.28 0.53
CA ALA B 410 -2.85 -0.45 1.69
C ALA B 410 -3.40 -1.34 2.80
N TRP B 411 -4.73 -1.36 2.95
CA TRP B 411 -5.40 -2.16 3.97
C TRP B 411 -5.81 -3.55 3.49
N ILE B 412 -6.12 -3.66 2.20
CA ILE B 412 -6.52 -4.92 1.58
C ILE B 412 -5.34 -5.88 1.49
N VAL B 413 -4.18 -5.37 1.08
CA VAL B 413 -2.98 -6.19 0.96
C VAL B 413 -2.49 -6.57 2.35
N PRO B 414 -2.36 -7.88 2.64
CA PRO B 414 -1.90 -8.33 3.96
C PRO B 414 -0.52 -7.84 4.42
N PRO B 415 -0.31 -7.79 5.75
CA PRO B 415 0.95 -7.32 6.35
C PRO B 415 2.19 -8.19 6.09
N ILE B 416 2.00 -9.41 5.57
CA ILE B 416 3.11 -10.28 5.22
C ILE B 416 2.79 -10.88 3.88
N SER B 417 3.84 -11.26 3.14
CA SER B 417 3.65 -11.91 1.84
C SER B 417 2.72 -11.19 0.88
N GLY B 418 2.79 -9.86 0.88
CA GLY B 418 1.97 -9.04 0.00
C GLY B 418 1.86 -9.48 -1.45
N SER B 419 2.99 -9.54 -2.15
CA SER B 419 2.95 -9.91 -3.56
C SER B 419 2.68 -11.40 -3.79
N LEU B 420 2.68 -12.18 -2.72
CA LEU B 420 2.40 -13.59 -2.84
C LEU B 420 0.88 -13.75 -2.96
N THR B 421 0.14 -12.68 -2.65
CA THR B 421 -1.32 -12.73 -2.77
C THR B 421 -1.77 -11.96 -4.03
N PRO B 422 -2.93 -12.36 -4.60
CA PRO B 422 -3.45 -11.71 -5.81
C PRO B 422 -3.86 -10.23 -5.72
N VAL B 423 -4.25 -9.76 -4.54
CA VAL B 423 -4.67 -8.37 -4.41
C VAL B 423 -3.53 -7.37 -4.64
N PHE B 424 -2.31 -7.77 -4.33
CA PHE B 424 -1.15 -6.89 -4.50
C PHE B 424 -1.02 -6.41 -5.94
N HIS B 425 -1.25 -7.32 -6.87
CA HIS B 425 -1.13 -7.05 -8.31
C HIS B 425 -2.36 -6.39 -8.90
N GLN B 426 -3.39 -6.19 -8.09
CA GLN B 426 -4.63 -5.60 -8.54
C GLN B 426 -4.71 -4.09 -8.23
N GLU B 427 -4.93 -3.27 -9.26
CA GLU B 427 -5.06 -1.84 -9.00
C GLU B 427 -6.43 -1.64 -8.36
N MET B 428 -6.56 -0.61 -7.54
CA MET B 428 -7.82 -0.37 -6.85
C MET B 428 -8.20 1.10 -6.78
N VAL B 429 -9.51 1.36 -6.84
CA VAL B 429 -10.03 2.72 -6.76
C VAL B 429 -10.68 2.87 -5.40
N ASN B 430 -10.40 3.97 -4.71
CA ASN B 430 -10.98 4.18 -3.40
C ASN B 430 -11.84 5.42 -3.37
N TYR B 431 -13.06 5.28 -2.83
CA TYR B 431 -13.99 6.39 -2.73
C TYR B 431 -14.98 6.10 -1.61
N ILE B 432 -15.80 7.08 -1.28
CA ILE B 432 -16.77 6.91 -0.19
C ILE B 432 -18.20 6.77 -0.68
N LEU B 433 -18.80 5.62 -0.38
CA LEU B 433 -20.20 5.35 -0.72
C LEU B 433 -20.98 5.30 0.60
N SER B 434 -22.29 5.49 0.53
CA SER B 434 -23.14 5.45 1.72
C SER B 434 -24.32 4.53 1.42
N PRO B 435 -24.78 3.72 2.41
CA PRO B 435 -24.34 3.55 3.80
C PRO B 435 -22.83 3.36 4.02
N ALA B 436 -22.36 3.81 5.17
CA ALA B 436 -20.95 3.73 5.50
C ALA B 436 -20.64 3.58 6.99
N PHE B 437 -19.50 2.95 7.26
CA PHE B 437 -19.02 2.83 8.63
C PHE B 437 -17.95 3.92 8.62
N ARG B 438 -18.00 4.81 9.60
CA ARG B 438 -17.03 5.90 9.66
C ARG B 438 -16.41 5.97 11.05
N TYR B 439 -15.32 6.72 11.16
CA TYR B 439 -14.65 6.92 12.42
C TYR B 439 -15.34 8.11 13.09
N GLN B 440 -15.32 8.15 14.41
CA GLN B 440 -15.94 9.24 15.16
C GLN B 440 -15.04 9.51 16.36
N PRO B 441 -15.16 10.69 16.97
CA PRO B 441 -14.35 11.09 18.14
C PRO B 441 -14.51 10.18 19.35
N ASP B 442 -13.48 10.15 20.21
CA ASP B 442 -13.56 9.36 21.43
C ASP B 442 -14.45 10.15 22.37
N PRO B 443 -15.43 9.49 22.98
CA PRO B 443 -16.38 10.13 23.91
C PRO B 443 -15.78 10.77 25.17
N TRP B 444 -14.51 10.53 25.44
CA TRP B 444 -13.91 11.10 26.65
C TRP B 444 -12.98 12.26 26.34
C ACT C . 11.61 -6.44 -13.68
O ACT C . 12.66 -7.03 -13.33
OXT ACT C . 11.11 -6.55 -14.83
CH3 ACT C . 10.91 -5.54 -12.67
C ACT D . 20.56 1.24 0.57
O ACT D . 21.42 0.32 0.52
OXT ACT D . 20.21 1.81 1.62
CH3 ACT D . 19.91 1.66 -0.73
AS CAC E . 14.28 -30.35 -5.78
C1 CAC E . 13.78 -31.54 -4.47
C2 CAC E . 15.85 -29.79 -5.08
ZN ZN F . -4.87 9.44 -3.41
CHA HEM G . 12.54 2.43 -7.87
CHB HEM G . 15.84 0.62 -4.82
CHC HEM G . 19.09 3.60 -6.73
CHD HEM G . 15.63 5.86 -9.26
C1A HEM G . 13.22 1.59 -6.97
C2A HEM G . 12.67 0.38 -6.41
C3A HEM G . 13.53 -0.09 -5.49
C4A HEM G . 14.68 0.79 -5.55
CMA HEM G . 13.31 -1.26 -4.52
CAA HEM G . 11.36 -0.28 -6.89
CBA HEM G . 11.61 -1.10 -8.15
CGA HEM G . 10.36 -1.83 -8.65
O1A HEM G . 9.58 -2.33 -7.80
O2A HEM G . 10.17 -1.91 -9.88
C1B HEM G . 16.98 1.41 -4.95
C2B HEM G . 18.25 1.03 -4.37
C3B HEM G . 19.19 1.88 -4.88
C4B HEM G . 18.48 2.76 -5.80
CMB HEM G . 18.49 -0.13 -3.40
CAB HEM G . 20.54 1.82 -4.54
CBB HEM G . 21.39 2.90 -4.47
C1C HEM G . 18.43 4.37 -7.69
C2C HEM G . 19.11 5.33 -8.53
C3C HEM G . 18.14 6.06 -9.16
C4C HEM G . 16.87 5.50 -8.72
CMC HEM G . 20.63 5.52 -8.64
CAC HEM G . 18.27 7.11 -10.09
CBC HEM G . 19.27 8.04 -10.15
C1D HEM G . 14.45 5.17 -9.02
C2D HEM G . 13.22 5.41 -9.74
C3D HEM G . 12.36 4.44 -9.36
C4D HEM G . 13.06 3.60 -8.42
CMD HEM G . 12.87 6.51 -10.73
CAD HEM G . 10.91 4.30 -9.84
CBD HEM G . 10.77 3.66 -11.23
CGD HEM G . 9.32 3.38 -11.59
O1D HEM G . 8.48 4.29 -11.47
O2D HEM G . 9.04 2.24 -12.01
NA HEM G . 14.48 1.85 -6.43
NB HEM G . 17.10 2.50 -5.82
NC HEM G . 17.04 4.47 -7.80
ND HEM G . 14.36 4.08 -8.16
FE HEM G . 15.64 3.45 -6.79
N1 AP4 H . 5.66 -1.91 -5.45
C2 AP4 H . 6.85 -1.99 -6.07
N2 AP4 H . 7.98 -1.78 -5.44
N3 AP4 H . 6.92 -2.29 -7.39
C4 AP4 H . 5.75 -2.54 -8.17
O4 AP4 H . 5.84 -2.82 -9.38
N5 AP4 H . 3.28 -2.68 -8.19
C6 AP4 H . 1.97 -2.24 -7.54
C7 AP4 H . 2.02 -2.30 -6.14
N8 AP4 H . 3.24 -2.07 -5.46
C10 AP4 H . 4.47 -2.15 -6.15
C9 AP4 H . 4.49 -2.47 -7.52
C11 AP4 H . 0.94 -3.11 -8.30
O12 AP4 H . 1.60 -4.26 -8.81
C13 AP4 H . 3.01 -4.07 -8.73
O14 AP4 H . 3.76 -4.97 -9.14
C1 ITU I . 17.59 1.28 -11.19
C2 ITU I . 17.20 1.67 -9.79
S ITU I . 18.03 0.70 -8.52
C3 ITU I . 17.01 -0.70 -8.07
N1 ITU I . 15.79 -0.81 -8.57
N2 ITU I . 17.44 -1.58 -7.18
C1 GOL J . 4.00 -3.27 -12.05
O1 GOL J . 4.82 -2.16 -11.75
C2 GOL J . 4.87 -4.48 -12.38
O2 GOL J . 5.67 -4.18 -13.53
C3 GOL J . 4.01 -5.70 -12.67
O3 GOL J . 4.82 -6.75 -13.14
C ACT K . -6.13 -4.14 17.35
O ACT K . -6.31 -5.32 17.75
OXT ACT K . -5.90 -3.18 18.11
CH3 ACT K . -6.22 -3.87 15.87
C ACT L . -13.67 -15.17 4.19
O ACT L . -13.86 -15.76 3.10
OXT ACT L . -13.35 -15.76 5.25
CH3 ACT L . -13.82 -13.67 4.23
AS CAC M . 11.79 -20.64 24.40
C1 CAC M . 13.60 -20.36 24.39
C2 CAC M . 11.69 -22.21 23.53
CHA HEM N . -11.71 -4.21 8.25
CHB HEM N . -11.59 -9.01 7.67
CHC HEM N . -16.34 -9.14 8.47
CHD HEM N . -16.55 -4.34 8.51
C1A HEM N . -11.27 -5.52 8.14
C2A HEM N . -9.89 -5.92 8.24
C3A HEM N . -9.82 -7.25 7.95
C4A HEM N . -11.20 -7.68 7.79
CMA HEM N . -8.53 -8.06 7.72
CAA HEM N . -8.72 -5.01 8.63
CBA HEM N . -8.55 -5.04 10.14
CGA HEM N . -7.41 -4.16 10.61
O1A HEM N . -6.32 -4.21 10.00
O2A HEM N . -7.61 -3.42 11.60
C1B HEM N . -12.92 -9.46 7.69
C2B HEM N . -13.29 -10.87 7.75
C3B HEM N . -14.61 -10.93 8.01
C4B HEM N . -15.06 -9.53 8.04
CMB HEM N . -12.41 -12.09 7.45
CAB HEM N . -15.33 -12.13 8.27
CBB HEM N . -16.60 -12.41 7.83
C1C HEM N . -16.77 -7.83 8.66
C2C HEM N . -18.13 -7.48 9.08
C3C HEM N . -18.22 -6.12 9.01
C4C HEM N . -16.89 -5.67 8.60
CMC HEM N . -19.27 -8.39 9.52
CAC HEM N . -19.32 -5.28 9.26
CBC HEM N . -20.66 -5.53 9.22
C1D HEM N . -15.25 -3.87 8.32
C2D HEM N . -14.87 -2.49 8.41
C3D HEM N . -13.49 -2.47 8.41
C4D HEM N . -13.06 -3.83 8.30
CMD HEM N . -15.81 -1.28 8.58
CAD HEM N . -12.56 -1.28 8.65
CBD HEM N . -12.41 -1.08 10.15
CGD HEM N . -11.43 0.01 10.49
O1D HEM N . -11.41 1.03 9.78
O2D HEM N . -10.67 -0.16 11.48
NA HEM N . -12.09 -6.61 7.88
NB HEM N . -14.01 -8.64 7.82
NC HEM N . -16.01 -6.72 8.38
ND HEM N . -14.15 -4.70 8.20
FE HEM N . -14.10 -6.62 7.74
N1 AP4 O . -3.44 -2.15 6.71
C2 AP4 O . -4.27 -2.75 7.60
N2 AP4 O . -4.91 -3.84 7.31
N3 AP4 O . -4.47 -2.21 8.84
C4 AP4 O . -3.81 -1.02 9.25
O4 AP4 O . -3.99 -0.55 10.38
N5 AP4 O . -2.24 0.80 8.62
C6 AP4 O . -1.63 1.63 7.49
C7 AP4 O . -1.21 0.82 6.43
N8 AP4 O . -1.91 -0.38 6.12
C10 AP4 O . -2.76 -0.97 7.06
C9 AP4 O . -2.93 -0.38 8.33
C11 AP4 O . -0.58 2.45 8.28
O12 AP4 O . -0.20 1.75 9.42
C13 AP4 O . -1.16 0.72 9.69
O14 AP4 O . -1.00 -0.02 10.67
C1 ITU P . -14.42 -6.59 13.21
C2 ITU P . -14.56 -6.83 11.71
S ITU P . -14.00 -8.46 11.18
C3 ITU P . -12.22 -8.55 11.35
N1 ITU P . -11.50 -7.43 11.47
N2 ITU P . -11.60 -9.73 11.29
C1 GOL Q . -3.37 1.96 12.40
O1 GOL Q . -4.62 1.68 11.82
C2 GOL Q . -3.03 0.92 13.46
O2 GOL Q . -3.86 1.11 14.60
C3 GOL Q . -1.57 1.06 13.88
O3 GOL Q . -1.30 0.18 14.96
#